data_9KWX
#
_entry.id   9KWX
#
_cell.length_a   1.00
_cell.length_b   1.00
_cell.length_c   1.00
_cell.angle_alpha   90.00
_cell.angle_beta   90.00
_cell.angle_gamma   90.00
#
_symmetry.space_group_name_H-M   'P 1'
#
loop_
_entity.id
_entity.type
_entity.pdbx_description
1 polymer 'Muscarinic acetylcholine receptor M4,C5a anaphylatoxin chemotactic receptor 1'
2 polymer 'Guanine nucleotide-binding protein G(o) subunit alpha'
3 polymer 'Guanine nucleotide-binding protein G(I)/G(S)/G(T) subunit beta-1'
4 polymer 'Guanine nucleotide-binding protein G(I)/G(S)/G(O) subunit gamma-2'
5 polymer 'Antibody fragment ScFv16'
6 polymer 'C5a anaphylatoxin'
#
loop_
_entity_poly.entity_id
_entity_poly.type
_entity_poly.pdbx_seq_one_letter_code
_entity_poly.pdbx_strand_id
1 'polypeptide(L)'
;MGKTIIALSYIFCLVFADYKDDDDAANFTPVNGSSGNQSVRLVTSSSLEVLFQGPGSDPIDNSSFEINYDHYGTMDPNIP
ADGIHLPKRQPGDVAALIIYSVVFLVGVPGNALVVWVTAFEARRAVNAIWFLNLAVADLLSCLALPVLFTTVLNHNYWYF
DATACIVLPSLILLNMYASILLLATISADRFLLVFKPIWCQKVRGTGLAWMACGVAWVLALLLTIPSFVYREAYKDFYSE
HTVCGINYGGGSFPKEKAVAILRLMVGFVLPLLTLNICYTFLLLRTWSRKATRSTKTLKVVMAVVICFFIFWLPYQVTGV
MIAWLPPSSPTLKRVEKLNSLCVSLAYINCCVNPIIYVMAGQGFHGRLLRSLPSIIRNALSEDSVGRDSKTFTPSTTDTS
TRKSQAV
;
A
2 'polypeptide(L)'
;MGHHHHHHENLYFQGTLSAEERAALERSKAIEKNLKEDGISAAKDVKLLLLGADNSGKSTIVKQMKIIHGGSGGSGGTTG
IVETHFTFKNLHFRLFDVGGQRSERKKWIHCFEDVTAIIFCVDLSDYNRMHESLMLFDSICNNKFFIDTSIILFLNKKDL
FGEKIKKSPLTICFPEYTGPNTYEDAAAYIQAQFESKNRSPNKEIYCHMTCATDTNNAQVIFDAVTDIIIANNLRGCGLY
;
B
3 'polypeptide(L)'
;MHHHHHHGSSGSELDQLRQEAEQLKNQIRDARKACADATLSQITNNIDPVGRIQMRTRRTLRGHLAKIYAMHWGTDSRLL
VSASQDGKLIIWDSYTTNKVHAIPLRSSWVMTCAYAPSGNYVACGGLDNICSIYNLKTREGNVRVSRELAGHTGYLSCCR
FLDDNQIVTSSGDTTCALWDIETGQQTTTFTGHTGDVMSLSLAPDTRLFVSGACDASAKLWDVREGMCRQTFTGHESDIN
AICFFPNGNAFATGSDDATCRLFDLRADQELMTYSHDNIICGITSVSFSKSGRLLLAGYDDFNCNVWDALKADRAGVLAG
HDNRVSCLGVTDDGMAVATGSWDSFLKIWN
;
C
4 'polypeptide(L)' MASNNTASIAQARKLVEQLKMEANIDRIKVSKAAADLMAYCEAHAKEDPLLTPVPASENPFREKKFFCAIL G
5 'polypeptide(L)'
;DVQLVESGGGLVQPGGSRKLSCSASGFAFSSFGMHWVRQAPEKGLEWVAYISSGSGTIYYADTVKGRFTISRDDPKNTLF
LQMTSLRSEDTAMYYCVRSIYYYGSSPFDFWGQGTTLTVSSGGGGSGGGGSGGGGSDIVMTQATSSVPVTPGESVSISCR
SSKSLLHSNGNTYLYWFLQRPGQSPQLLIYRMSNLASGVPDRFSGSGSGTAFTLTISRLEAEDVGVYYCMQHLEYPLTFG
AGTKLELKGSLEVLFQ
;
H
6 'polypeptide(L)' GANLHLLRQKIEEQAAKYKHSVPKKCCYDGARVNFYETCEERVARVTIGPLCIRAFNECCTIANKIRKESPHKPVQLG F
#
# COMPACT_ATOMS: atom_id res chain seq x y z
N PRO A 80 -10.52 -62.91 37.61
CA PRO A 80 -9.78 -61.72 37.16
C PRO A 80 -10.08 -61.35 35.71
N ALA A 81 -9.82 -60.10 35.36
CA ALA A 81 -10.11 -59.65 34.00
C ALA A 81 -9.19 -60.30 32.97
N ASP A 82 -7.97 -60.65 33.37
CA ASP A 82 -7.03 -61.28 32.45
C ASP A 82 -6.00 -62.05 33.26
N GLY A 83 -5.34 -63.00 32.59
CA GLY A 83 -4.32 -63.78 33.26
C GLY A 83 -3.12 -62.95 33.68
N ILE A 84 -2.65 -62.07 32.80
CA ILE A 84 -1.49 -61.23 33.08
C ILE A 84 -1.76 -59.83 32.52
N HIS A 85 -1.29 -58.82 33.25
CA HIS A 85 -1.37 -57.43 32.83
C HIS A 85 0.04 -56.86 32.75
N LEU A 86 0.24 -55.92 31.83
CA LEU A 86 1.55 -55.34 31.63
C LEU A 86 1.42 -53.89 31.16
N PRO A 87 2.38 -53.04 31.51
CA PRO A 87 2.41 -51.68 30.95
C PRO A 87 3.08 -51.58 29.59
N LYS A 88 3.43 -52.71 28.97
CA LYS A 88 4.10 -52.75 27.67
C LYS A 88 5.51 -52.21 27.75
N ARG A 89 6.34 -52.57 26.76
CA ARG A 89 7.77 -52.30 26.84
C ARG A 89 8.11 -50.85 26.53
N GLN A 90 7.36 -50.21 25.63
CA GLN A 90 7.62 -48.85 25.16
C GLN A 90 9.06 -48.76 24.61
N PRO A 91 9.35 -49.45 23.50
CA PRO A 91 10.69 -49.36 22.91
C PRO A 91 11.08 -47.93 22.55
N GLY A 92 12.36 -47.72 22.22
CA GLY A 92 12.83 -46.38 21.90
C GLY A 92 12.12 -45.78 20.71
N ASP A 93 11.89 -46.59 19.66
CA ASP A 93 11.18 -46.08 18.49
C ASP A 93 9.76 -45.69 18.83
N VAL A 94 9.16 -46.32 19.85
CA VAL A 94 7.82 -45.94 20.26
C VAL A 94 7.84 -44.71 21.15
N ALA A 95 9.03 -44.29 21.60
CA ALA A 95 9.16 -43.16 22.52
C ALA A 95 9.49 -41.87 21.77
N ALA A 96 8.93 -41.70 20.57
CA ALA A 96 9.09 -40.47 19.79
C ALA A 96 8.27 -39.31 20.36
N LEU A 97 7.70 -39.50 21.56
CA LEU A 97 6.94 -38.44 22.20
C LEU A 97 7.74 -37.15 22.29
N ILE A 98 9.06 -37.27 22.49
CA ILE A 98 9.86 -36.06 22.66
C ILE A 98 9.96 -35.29 21.35
N ILE A 99 10.10 -35.99 20.22
CA ILE A 99 10.12 -35.31 18.94
C ILE A 99 8.78 -34.63 18.67
N TYR A 100 7.68 -35.37 18.88
CA TYR A 100 6.37 -34.75 18.73
C TYR A 100 6.24 -33.52 19.63
N SER A 101 6.68 -33.62 20.88
CA SER A 101 6.51 -32.52 21.82
C SER A 101 7.33 -31.30 21.41
N VAL A 102 8.59 -31.53 21.00
CA VAL A 102 9.42 -30.41 20.57
C VAL A 102 8.75 -29.70 19.39
N VAL A 103 8.35 -30.45 18.36
CA VAL A 103 7.74 -29.81 17.21
C VAL A 103 6.47 -29.08 17.64
N PHE A 104 5.62 -29.74 18.44
CA PHE A 104 4.37 -29.15 18.88
C PHE A 104 4.61 -27.81 19.56
N LEU A 105 5.61 -27.74 20.44
CA LEU A 105 5.83 -26.52 21.21
C LEU A 105 6.49 -25.42 20.37
N VAL A 106 7.51 -25.77 19.58
CA VAL A 106 8.31 -24.71 18.98
C VAL A 106 7.80 -24.30 17.59
N GLY A 107 7.00 -25.14 16.94
CA GLY A 107 6.59 -24.86 15.57
C GLY A 107 5.34 -24.03 15.45
N VAL A 108 4.31 -24.37 16.23
CA VAL A 108 3.02 -23.67 16.09
C VAL A 108 3.17 -22.17 16.29
N PRO A 109 3.97 -21.66 17.25
CA PRO A 109 4.12 -20.20 17.32
C PRO A 109 4.84 -19.64 16.10
N GLY A 110 5.97 -20.24 15.71
CA GLY A 110 6.67 -19.78 14.53
C GLY A 110 5.81 -19.85 13.29
N ASN A 111 5.12 -20.99 13.11
CA ASN A 111 4.24 -21.13 11.95
C ASN A 111 3.15 -20.07 11.96
N ALA A 112 2.53 -19.85 13.11
CA ALA A 112 1.45 -18.86 13.19
C ALA A 112 1.95 -17.46 12.86
N LEU A 113 3.09 -17.07 13.42
CA LEU A 113 3.58 -15.71 13.18
C LEU A 113 4.06 -15.54 11.74
N VAL A 114 4.62 -16.59 11.13
CA VAL A 114 5.04 -16.46 9.75
C VAL A 114 3.83 -16.49 8.82
N VAL A 115 2.73 -17.11 9.25
CA VAL A 115 1.48 -17.01 8.50
C VAL A 115 0.96 -15.59 8.53
N TRP A 116 0.92 -14.99 9.72
CA TRP A 116 0.39 -13.63 9.83
C TRP A 116 1.25 -12.63 9.07
N VAL A 117 2.57 -12.69 9.23
CA VAL A 117 3.43 -11.67 8.65
C VAL A 117 3.47 -11.83 7.13
N THR A 118 2.88 -12.91 6.61
CA THR A 118 2.72 -13.11 5.18
C THR A 118 1.27 -13.11 4.73
N ALA A 119 0.33 -12.71 5.59
CA ALA A 119 -1.07 -12.73 5.23
C ALA A 119 -1.38 -11.55 4.30
N PHE A 120 -2.67 -11.30 4.09
CA PHE A 120 -3.11 -10.42 3.01
C PHE A 120 -2.40 -9.08 3.01
N GLU A 121 -2.15 -8.48 4.18
CA GLU A 121 -1.45 -7.19 4.20
C GLU A 121 -0.07 -7.31 3.58
N ALA A 122 0.66 -8.38 3.92
CA ALA A 122 1.93 -8.65 3.26
C ALA A 122 1.74 -9.39 1.95
N ARG A 123 0.65 -10.16 1.82
CA ARG A 123 0.36 -10.90 0.60
C ARG A 123 0.02 -10.00 -0.57
N ARG A 124 -0.07 -8.68 -0.35
CA ARG A 124 -0.18 -7.75 -1.48
C ARG A 124 1.04 -7.81 -2.38
N ALA A 125 2.15 -8.36 -1.88
CA ALA A 125 3.34 -8.60 -2.67
C ALA A 125 3.39 -10.09 -3.02
N VAL A 126 3.82 -10.39 -4.25
CA VAL A 126 3.67 -11.75 -4.78
C VAL A 126 4.50 -12.73 -3.96
N ASN A 127 5.74 -12.39 -3.64
CA ASN A 127 6.67 -13.37 -3.10
C ASN A 127 6.24 -13.91 -1.74
N ALA A 128 5.33 -13.25 -1.05
CA ALA A 128 4.87 -13.75 0.25
C ALA A 128 3.78 -14.81 0.13
N ILE A 129 3.18 -14.96 -1.05
CA ILE A 129 2.07 -15.91 -1.22
C ILE A 129 2.55 -17.34 -1.03
N TRP A 130 3.69 -17.69 -1.63
CA TRP A 130 4.21 -19.04 -1.51
C TRP A 130 4.36 -19.43 -0.05
N PHE A 131 4.99 -18.56 0.73
CA PHE A 131 5.28 -18.91 2.12
C PHE A 131 4.06 -18.79 3.00
N LEU A 132 3.10 -17.92 2.65
CA LEU A 132 1.79 -17.99 3.30
C LEU A 132 1.18 -19.37 3.14
N ASN A 133 1.18 -19.88 1.90
CA ASN A 133 0.58 -21.19 1.66
C ASN A 133 1.34 -22.29 2.40
N LEU A 134 2.67 -22.28 2.30
CA LEU A 134 3.48 -23.31 2.93
C LEU A 134 3.32 -23.28 4.44
N ALA A 135 3.29 -22.08 5.03
CA ALA A 135 3.11 -21.96 6.46
C ALA A 135 1.72 -22.35 6.90
N VAL A 136 0.69 -22.11 6.06
CA VAL A 136 -0.65 -22.56 6.39
C VAL A 136 -0.69 -24.09 6.45
N ALA A 137 -0.12 -24.74 5.43
CA ALA A 137 -0.09 -26.20 5.44
C ALA A 137 0.68 -26.73 6.65
N ASP A 138 1.85 -26.15 6.91
CA ASP A 138 2.68 -26.58 8.03
C ASP A 138 1.97 -26.36 9.36
N LEU A 139 1.32 -25.21 9.51
CA LEU A 139 0.60 -24.89 10.74
C LEU A 139 -0.55 -25.84 10.95
N LEU A 140 -1.29 -26.15 9.88
CA LEU A 140 -2.39 -27.09 10.01
C LEU A 140 -1.88 -28.48 10.42
N SER A 141 -0.76 -28.90 9.84
CA SER A 141 -0.20 -30.19 10.23
C SER A 141 0.23 -30.20 11.70
N CYS A 142 0.87 -29.11 12.16
CA CYS A 142 1.35 -29.07 13.53
C CYS A 142 0.21 -28.88 14.54
N LEU A 143 -0.89 -28.26 14.14
CA LEU A 143 -2.06 -28.14 15.00
C LEU A 143 -2.79 -29.47 15.14
N ALA A 144 -2.69 -30.33 14.12
CA ALA A 144 -3.28 -31.66 14.20
C ALA A 144 -2.44 -32.59 15.08
N LEU A 145 -1.15 -32.31 15.21
CA LEU A 145 -0.16 -33.16 15.86
C LEU A 145 -0.61 -33.76 17.20
N PRO A 146 -1.39 -33.04 18.01
CA PRO A 146 -1.79 -33.61 19.31
C PRO A 146 -2.53 -34.94 19.22
N VAL A 147 -3.29 -35.22 18.16
CA VAL A 147 -3.95 -36.51 18.07
C VAL A 147 -2.92 -37.63 17.95
N LEU A 148 -1.90 -37.43 17.10
CA LEU A 148 -0.83 -38.41 17.00
C LEU A 148 -0.11 -38.55 18.34
N PHE A 149 0.16 -37.43 18.99
CA PHE A 149 0.85 -37.47 20.29
C PHE A 149 0.07 -38.30 21.30
N THR A 150 -1.24 -38.03 21.42
CA THR A 150 -2.04 -38.72 22.43
C THR A 150 -2.20 -40.20 22.08
N THR A 151 -2.30 -40.53 20.78
CA THR A 151 -2.49 -41.94 20.44
C THR A 151 -1.20 -42.74 20.61
N VAL A 152 -0.03 -42.13 20.35
CA VAL A 152 1.21 -42.86 20.58
C VAL A 152 1.48 -43.00 22.07
N LEU A 153 1.24 -41.96 22.87
CA LEU A 153 1.42 -42.12 24.30
C LEU A 153 0.33 -43.01 24.89
N ASN A 154 -0.77 -43.18 24.17
CA ASN A 154 -1.80 -44.16 24.52
C ASN A 154 -1.51 -45.54 23.95
N HIS A 155 -0.25 -45.80 23.58
CA HIS A 155 0.17 -47.11 23.07
C HIS A 155 -0.70 -47.56 21.90
N ASN A 156 -0.73 -46.71 20.86
CA ASN A 156 -1.30 -47.03 19.56
C ASN A 156 -2.82 -47.10 19.58
N TYR A 157 -3.46 -46.88 20.72
CA TYR A 157 -4.91 -46.99 20.82
C TYR A 157 -5.58 -45.71 20.35
N TRP A 158 -6.63 -45.86 19.54
CA TRP A 158 -7.36 -44.73 18.95
C TRP A 158 -8.66 -44.54 19.73
N TYR A 159 -8.62 -43.63 20.70
CA TYR A 159 -9.80 -43.28 21.49
C TYR A 159 -10.55 -42.08 20.91
N PHE A 160 -10.94 -42.19 19.64
CA PHE A 160 -11.82 -41.22 19.01
C PHE A 160 -12.83 -41.97 18.14
N ASP A 161 -13.88 -41.25 17.74
CA ASP A 161 -14.91 -41.83 16.89
C ASP A 161 -14.39 -42.00 15.46
N ALA A 162 -15.02 -42.92 14.73
CA ALA A 162 -14.53 -43.27 13.40
C ALA A 162 -14.62 -42.11 12.43
N THR A 163 -15.63 -41.23 12.59
CA THR A 163 -15.73 -40.07 11.71
C THR A 163 -14.49 -39.20 11.81
N ALA A 164 -13.81 -39.22 12.95
CA ALA A 164 -12.51 -38.55 13.05
C ALA A 164 -11.41 -39.40 12.41
N CYS A 165 -11.50 -40.72 12.55
CA CYS A 165 -10.49 -41.60 11.97
C CYS A 165 -10.42 -41.43 10.45
N ILE A 166 -11.56 -41.16 9.81
CA ILE A 166 -11.59 -41.11 8.35
C ILE A 166 -11.15 -39.76 7.80
N VAL A 167 -10.98 -38.73 8.64
CA VAL A 167 -10.72 -37.37 8.17
C VAL A 167 -9.43 -36.80 8.75
N LEU A 168 -9.20 -36.93 10.07
CA LEU A 168 -7.99 -36.36 10.66
C LEU A 168 -6.71 -36.88 10.03
N PRO A 169 -6.48 -38.19 9.93
CA PRO A 169 -5.29 -38.67 9.20
C PRO A 169 -5.25 -38.19 7.77
N SER A 170 -6.41 -38.15 7.11
CA SER A 170 -6.47 -37.66 5.74
C SER A 170 -6.05 -36.20 5.65
N LEU A 171 -6.51 -35.37 6.59
CA LEU A 171 -6.11 -33.96 6.58
C LEU A 171 -4.63 -33.81 6.91
N ILE A 172 -4.09 -34.65 7.79
CA ILE A 172 -2.67 -34.59 8.08
C ILE A 172 -1.86 -34.90 6.82
N LEU A 173 -2.25 -35.96 6.10
CA LEU A 173 -1.57 -36.30 4.86
C LEU A 173 -1.73 -35.20 3.82
N LEU A 174 -2.92 -34.62 3.72
CA LEU A 174 -3.13 -33.50 2.80
C LEU A 174 -2.19 -32.36 3.13
N ASN A 175 -2.10 -31.99 4.41
CA ASN A 175 -1.24 -30.88 4.82
C ASN A 175 0.22 -31.18 4.51
N MET A 176 0.68 -32.39 4.81
CA MET A 176 2.09 -32.72 4.64
C MET A 176 2.46 -32.74 3.16
N TYR A 177 1.65 -33.42 2.33
CA TYR A 177 1.95 -33.45 0.91
C TYR A 177 1.76 -32.08 0.27
N ALA A 178 0.86 -31.27 0.80
CA ALA A 178 0.76 -29.89 0.32
C ALA A 178 2.02 -29.11 0.64
N SER A 179 2.60 -29.32 1.83
CA SER A 179 3.86 -28.66 2.17
C SER A 179 4.99 -29.13 1.26
N ILE A 180 5.05 -30.43 1.00
CA ILE A 180 6.10 -30.95 0.12
C ILE A 180 5.96 -30.37 -1.28
N LEU A 181 4.75 -30.38 -1.82
CA LEU A 181 4.54 -29.87 -3.17
C LEU A 181 4.69 -28.35 -3.24
N LEU A 182 4.42 -27.65 -2.14
CA LEU A 182 4.67 -26.21 -2.09
C LEU A 182 6.16 -25.92 -2.08
N LEU A 183 6.93 -26.73 -1.35
CA LEU A 183 8.39 -26.61 -1.43
C LEU A 183 8.87 -26.87 -2.85
N ALA A 184 8.30 -27.88 -3.51
CA ALA A 184 8.71 -28.20 -4.88
C ALA A 184 8.39 -27.07 -5.84
N THR A 185 7.18 -26.51 -5.76
CA THR A 185 6.84 -25.41 -6.67
C THR A 185 7.55 -24.13 -6.29
N ILE A 186 7.93 -23.96 -5.01
CA ILE A 186 8.79 -22.86 -4.62
C ILE A 186 10.16 -23.02 -5.28
N SER A 187 10.66 -24.25 -5.32
CA SER A 187 11.92 -24.52 -6.02
C SER A 187 11.80 -24.16 -7.48
N ALA A 188 10.70 -24.57 -8.12
CA ALA A 188 10.49 -24.22 -9.52
C ALA A 188 10.40 -22.72 -9.72
N ASP A 189 9.72 -22.01 -8.81
CA ASP A 189 9.58 -20.57 -8.90
C ASP A 189 10.94 -19.88 -8.76
N ARG A 190 11.74 -20.31 -7.80
CA ARG A 190 13.05 -19.69 -7.58
C ARG A 190 14.01 -20.07 -8.71
N PHE A 191 13.73 -21.18 -9.40
CA PHE A 191 14.45 -21.50 -10.63
C PHE A 191 14.07 -20.55 -11.75
N LEU A 192 12.77 -20.31 -11.93
CA LEU A 192 12.30 -19.47 -13.03
C LEU A 192 12.66 -18.01 -12.81
N LEU A 193 12.77 -17.58 -11.55
CA LEU A 193 13.23 -16.23 -11.26
C LEU A 193 14.69 -16.02 -11.63
N VAL A 194 15.41 -17.10 -11.94
CA VAL A 194 16.83 -17.03 -12.27
C VAL A 194 17.07 -17.32 -13.75
N PHE A 195 16.41 -18.33 -14.30
CA PHE A 195 16.61 -18.70 -15.69
C PHE A 195 15.66 -17.98 -16.65
N LYS A 196 14.52 -17.50 -16.16
CA LYS A 196 13.57 -16.77 -17.00
C LYS A 196 13.20 -15.45 -16.33
N PRO A 197 14.19 -14.61 -16.02
CA PRO A 197 13.90 -13.40 -15.23
C PRO A 197 13.12 -12.35 -15.98
N ILE A 198 13.32 -12.21 -17.30
CA ILE A 198 12.56 -11.23 -18.06
C ILE A 198 11.19 -11.76 -18.49
N TRP A 199 10.98 -13.07 -18.41
CA TRP A 199 9.65 -13.63 -18.64
C TRP A 199 8.84 -13.60 -17.36
N CYS A 200 9.50 -13.74 -16.22
CA CYS A 200 8.96 -13.21 -14.98
C CYS A 200 9.03 -11.69 -15.03
N GLN A 201 8.17 -11.05 -14.22
CA GLN A 201 7.96 -9.60 -14.28
C GLN A 201 7.09 -9.23 -15.47
N LYS A 202 6.83 -10.19 -16.36
CA LYS A 202 5.86 -9.97 -17.44
C LYS A 202 4.56 -10.70 -17.14
N VAL A 203 4.66 -11.97 -16.74
CA VAL A 203 3.51 -12.79 -16.40
C VAL A 203 3.59 -13.19 -14.94
N ARG A 204 4.16 -12.30 -14.12
CA ARG A 204 4.27 -12.47 -12.68
C ARG A 204 3.14 -11.69 -12.01
N GLY A 205 2.46 -12.33 -11.07
CA GLY A 205 1.37 -11.66 -10.38
C GLY A 205 0.78 -12.52 -9.30
N THR A 206 -0.10 -11.90 -8.51
CA THR A 206 -0.77 -12.59 -7.41
C THR A 206 -1.63 -13.75 -7.93
N GLY A 207 -2.39 -13.52 -9.00
CA GLY A 207 -3.28 -14.55 -9.49
C GLY A 207 -2.55 -15.80 -9.91
N LEU A 208 -1.43 -15.65 -10.61
CA LEU A 208 -0.67 -16.82 -11.07
C LEU A 208 -0.04 -17.56 -9.89
N ALA A 209 0.45 -16.81 -8.89
CA ALA A 209 0.97 -17.47 -7.69
C ALA A 209 -0.11 -18.30 -7.01
N TRP A 210 -1.30 -17.73 -6.86
CA TRP A 210 -2.41 -18.49 -6.27
C TRP A 210 -2.81 -19.68 -7.15
N MET A 211 -2.70 -19.55 -8.46
CA MET A 211 -3.02 -20.67 -9.34
C MET A 211 -2.03 -21.81 -9.12
N ALA A 212 -0.74 -21.49 -9.03
CA ALA A 212 0.25 -22.53 -8.77
C ALA A 212 0.03 -23.17 -7.40
N CYS A 213 -0.24 -22.37 -6.38
CA CYS A 213 -0.53 -22.92 -5.07
C CYS A 213 -1.76 -23.82 -5.10
N GLY A 214 -2.77 -23.43 -5.88
CA GLY A 214 -3.97 -24.25 -6.00
C GLY A 214 -3.69 -25.58 -6.68
N VAL A 215 -2.83 -25.56 -7.70
CA VAL A 215 -2.42 -26.83 -8.32
C VAL A 215 -1.74 -27.72 -7.29
N ALA A 216 -0.84 -27.15 -6.50
CA ALA A 216 -0.17 -27.93 -5.46
C ALA A 216 -1.18 -28.53 -4.48
N TRP A 217 -2.12 -27.71 -4.00
CA TRP A 217 -3.15 -28.19 -3.08
C TRP A 217 -4.00 -29.30 -3.71
N VAL A 218 -4.38 -29.13 -4.97
CA VAL A 218 -5.23 -30.12 -5.63
C VAL A 218 -4.50 -31.44 -5.76
N LEU A 219 -3.21 -31.39 -6.11
CA LEU A 219 -2.45 -32.62 -6.25
C LEU A 219 -2.28 -33.31 -4.89
N ALA A 220 -2.08 -32.53 -3.83
CA ALA A 220 -2.06 -33.11 -2.49
C ALA A 220 -3.39 -33.78 -2.16
N LEU A 221 -4.51 -33.14 -2.51
CA LEU A 221 -5.81 -33.75 -2.27
C LEU A 221 -5.93 -35.06 -3.04
N LEU A 222 -5.44 -35.08 -4.28
CA LEU A 222 -5.47 -36.31 -5.07
C LEU A 222 -4.70 -37.41 -4.37
N LEU A 223 -3.52 -37.09 -3.84
CA LEU A 223 -2.74 -38.13 -3.15
C LEU A 223 -3.38 -38.58 -1.85
N THR A 224 -4.19 -37.74 -1.20
CA THR A 224 -4.86 -38.16 0.01
C THR A 224 -6.24 -38.76 -0.23
N ILE A 225 -6.72 -38.80 -1.48
CA ILE A 225 -7.97 -39.52 -1.75
C ILE A 225 -7.95 -40.94 -1.19
N PRO A 226 -6.95 -41.78 -1.49
CA PRO A 226 -6.94 -43.14 -0.91
C PRO A 226 -6.75 -43.15 0.60
N SER A 227 -6.63 -42.00 1.25
CA SER A 227 -6.70 -41.93 2.70
C SER A 227 -8.15 -41.82 3.17
N PHE A 228 -8.94 -41.00 2.48
CA PHE A 228 -10.36 -40.86 2.83
C PHE A 228 -11.11 -42.18 2.66
N VAL A 229 -10.94 -42.84 1.51
CA VAL A 229 -11.87 -43.90 1.12
C VAL A 229 -11.46 -45.28 1.60
N TYR A 230 -10.36 -45.42 2.34
CA TYR A 230 -9.94 -46.72 2.83
C TYR A 230 -9.57 -46.79 4.30
N ARG A 231 -9.50 -45.67 5.01
CA ARG A 231 -9.18 -45.73 6.44
C ARG A 231 -10.43 -46.00 7.26
N GLU A 232 -10.28 -46.87 8.27
CA GLU A 232 -11.38 -47.24 9.15
C GLU A 232 -10.81 -47.82 10.44
N ALA A 233 -11.59 -47.71 11.51
CA ALA A 233 -11.20 -48.20 12.82
C ALA A 233 -11.86 -49.55 13.11
N TYR A 234 -11.16 -50.40 13.86
CA TYR A 234 -11.65 -51.75 14.12
C TYR A 234 -11.01 -52.31 15.39
N LYS A 235 -11.60 -53.40 15.88
CA LYS A 235 -11.11 -54.13 17.05
C LYS A 235 -11.91 -55.41 17.17
N ASP A 236 -11.44 -56.32 18.03
CA ASP A 236 -12.10 -57.61 18.19
C ASP A 236 -11.66 -58.27 19.50
N PHE A 237 -12.64 -58.53 20.37
CA PHE A 237 -12.44 -59.25 21.63
C PHE A 237 -11.59 -58.49 22.64
N TYR A 238 -11.07 -57.33 22.25
CA TYR A 238 -10.34 -56.48 23.20
C TYR A 238 -11.17 -55.24 23.52
N SER A 239 -11.61 -55.14 24.77
CA SER A 239 -12.44 -54.02 25.18
C SER A 239 -11.66 -52.73 25.33
N GLU A 240 -10.36 -52.82 25.59
CA GLU A 240 -9.58 -51.64 25.90
C GLU A 240 -8.76 -51.10 24.73
N HIS A 241 -8.95 -51.62 23.51
CA HIS A 241 -8.18 -51.16 22.36
C HIS A 241 -9.08 -51.00 21.13
N THR A 242 -8.59 -50.17 20.20
CA THR A 242 -9.16 -49.97 18.88
C THR A 242 -8.15 -49.18 18.06
N VAL A 243 -7.91 -49.56 16.80
CA VAL A 243 -6.88 -48.96 15.99
C VAL A 243 -7.51 -48.37 14.73
N CYS A 244 -7.14 -47.14 14.41
CA CYS A 244 -7.55 -46.46 13.18
C CYS A 244 -6.60 -46.89 12.07
N GLY A 245 -6.92 -48.02 11.43
CA GLY A 245 -6.08 -48.60 10.41
C GLY A 245 -6.58 -48.33 9.01
N ILE A 246 -6.14 -49.17 8.08
CA ILE A 246 -6.55 -49.09 6.68
C ILE A 246 -7.06 -50.47 6.27
N ASN A 247 -8.17 -50.49 5.54
CA ASN A 247 -8.78 -51.74 5.07
C ASN A 247 -8.73 -51.79 3.55
N TYR A 248 -8.32 -52.93 3.01
CA TYR A 248 -8.24 -53.14 1.57
C TYR A 248 -8.89 -54.45 1.14
N GLY A 249 -9.91 -54.91 1.86
CA GLY A 249 -10.63 -56.10 1.45
C GLY A 249 -11.27 -55.92 0.09
N GLY A 250 -11.03 -56.87 -0.82
CA GLY A 250 -11.59 -56.75 -2.16
C GLY A 250 -10.99 -57.78 -3.10
N GLY A 251 -10.71 -57.33 -4.32
CA GLY A 251 -10.17 -58.19 -5.34
C GLY A 251 -8.70 -58.52 -5.11
N SER A 252 -8.16 -59.31 -6.04
CA SER A 252 -6.77 -59.75 -5.93
C SER A 252 -5.78 -58.63 -6.21
N PHE A 253 -6.23 -57.47 -6.67
CA PHE A 253 -5.30 -56.39 -6.98
C PHE A 253 -4.63 -55.89 -5.70
N PRO A 254 -3.32 -55.56 -5.76
CA PRO A 254 -2.65 -55.03 -4.56
C PRO A 254 -3.09 -53.61 -4.22
N LYS A 255 -4.22 -53.48 -3.53
CA LYS A 255 -4.80 -52.16 -3.30
C LYS A 255 -3.97 -51.30 -2.35
N GLU A 256 -3.06 -51.89 -1.56
CA GLU A 256 -2.24 -51.10 -0.65
C GLU A 256 -0.91 -50.71 -1.28
N LYS A 257 -0.30 -51.62 -2.04
CA LYS A 257 1.01 -51.34 -2.63
C LYS A 257 0.88 -50.40 -3.82
N ALA A 258 -0.26 -50.46 -4.54
CA ALA A 258 -0.52 -49.55 -5.63
C ALA A 258 -0.61 -48.10 -5.17
N VAL A 259 -1.17 -47.88 -3.97
CA VAL A 259 -1.17 -46.54 -3.39
C VAL A 259 0.24 -46.13 -2.99
N ALA A 260 1.01 -47.09 -2.45
CA ALA A 260 2.35 -46.79 -1.97
C ALA A 260 3.24 -46.32 -3.10
N ILE A 261 3.14 -46.95 -4.27
CA ILE A 261 4.01 -46.54 -5.38
C ILE A 261 3.66 -45.12 -5.83
N LEU A 262 2.37 -44.80 -5.93
CA LEU A 262 1.99 -43.45 -6.32
C LEU A 262 2.51 -42.43 -5.33
N ARG A 263 2.38 -42.70 -4.03
CA ARG A 263 2.93 -41.77 -3.06
C ARG A 263 4.44 -41.65 -3.24
N LEU A 264 5.17 -42.77 -3.22
CA LEU A 264 6.62 -42.67 -3.35
C LEU A 264 7.03 -41.85 -4.57
N MET A 265 6.37 -42.06 -5.71
CA MET A 265 6.70 -41.25 -6.87
C MET A 265 6.37 -39.79 -6.64
N VAL A 266 5.09 -39.42 -6.60
CA VAL A 266 4.75 -38.02 -6.80
C VAL A 266 4.66 -37.24 -5.49
N GLY A 267 4.55 -37.88 -4.34
CA GLY A 267 4.64 -37.17 -3.09
C GLY A 267 6.05 -36.96 -2.57
N PHE A 268 7.00 -37.83 -2.93
CA PHE A 268 8.36 -37.67 -2.42
C PHE A 268 9.48 -37.65 -3.46
N VAL A 269 9.45 -38.55 -4.45
CA VAL A 269 10.63 -38.70 -5.30
C VAL A 269 10.67 -37.60 -6.35
N LEU A 270 9.52 -37.30 -6.95
CA LEU A 270 9.48 -36.23 -7.95
C LEU A 270 9.64 -34.88 -7.27
N PRO A 271 9.09 -34.68 -6.06
CA PRO A 271 9.47 -33.48 -5.30
C PRO A 271 10.96 -33.40 -4.98
N LEU A 272 11.57 -34.51 -4.58
CA LEU A 272 13.01 -34.50 -4.30
C LEU A 272 13.82 -34.26 -5.56
N LEU A 273 13.44 -34.93 -6.66
CA LEU A 273 14.08 -34.67 -7.94
C LEU A 273 13.93 -33.21 -8.34
N THR A 274 12.75 -32.63 -8.07
CA THR A 274 12.52 -31.23 -8.40
C THR A 274 13.44 -30.33 -7.59
N LEU A 275 13.51 -30.55 -6.28
CA LEU A 275 14.42 -29.74 -5.45
C LEU A 275 15.84 -29.82 -6.00
N ASN A 276 16.34 -31.03 -6.23
CA ASN A 276 17.71 -31.17 -6.70
C ASN A 276 17.92 -30.47 -8.04
N ILE A 277 17.09 -30.80 -9.03
CA ILE A 277 17.32 -30.32 -10.38
C ILE A 277 17.09 -28.82 -10.48
N CYS A 278 16.23 -28.26 -9.64
CA CYS A 278 15.99 -26.82 -9.68
C CYS A 278 17.12 -26.07 -8.99
N TYR A 279 17.41 -26.41 -7.72
CA TYR A 279 18.42 -25.63 -7.01
C TYR A 279 19.82 -25.85 -7.56
N THR A 280 20.18 -27.06 -8.02
CA THR A 280 21.51 -27.23 -8.57
C THR A 280 21.71 -26.30 -9.76
N PHE A 281 20.75 -26.26 -10.69
CA PHE A 281 20.84 -25.35 -11.82
C PHE A 281 20.81 -23.90 -11.36
N LEU A 282 20.05 -23.59 -10.30
CA LEU A 282 20.00 -22.23 -9.78
C LEU A 282 21.38 -21.78 -9.33
N LEU A 283 22.11 -22.66 -8.62
CA LEU A 283 23.48 -22.33 -8.22
C LEU A 283 24.40 -22.21 -9.41
N LEU A 284 24.34 -23.17 -10.34
CA LEU A 284 25.23 -23.12 -11.50
C LEU A 284 25.02 -21.83 -12.29
N ARG A 285 23.79 -21.30 -12.32
CA ARG A 285 23.56 -20.03 -12.99
C ARG A 285 24.01 -18.85 -12.14
N THR A 286 23.55 -18.77 -10.88
CA THR A 286 23.80 -17.59 -10.08
C THR A 286 25.27 -17.38 -9.79
N TRP A 287 26.04 -18.44 -9.55
CA TRP A 287 27.45 -18.26 -9.24
C TRP A 287 28.30 -17.92 -10.48
N SER A 288 27.67 -17.74 -11.64
CA SER A 288 28.44 -17.54 -12.87
C SER A 288 28.82 -16.07 -13.07
N ARG A 289 27.92 -15.15 -12.74
CA ARG A 289 28.01 -13.76 -13.18
C ARG A 289 28.72 -12.83 -12.20
N LYS A 290 28.98 -13.29 -10.97
CA LYS A 290 29.65 -12.52 -9.92
C LYS A 290 28.77 -11.43 -9.31
N ALA A 291 27.66 -11.08 -9.98
CA ALA A 291 26.79 -10.05 -9.43
C ALA A 291 25.61 -10.67 -8.70
N THR A 292 25.31 -11.93 -9.04
CA THR A 292 24.28 -12.70 -8.37
C THR A 292 24.85 -13.70 -7.37
N ARG A 293 26.18 -13.77 -7.26
CA ARG A 293 26.82 -14.79 -6.43
C ARG A 293 26.72 -14.42 -4.96
N SER A 294 26.50 -15.44 -4.12
CA SER A 294 26.45 -15.22 -2.68
C SER A 294 26.59 -16.56 -1.98
N THR A 295 27.32 -16.56 -0.85
CA THR A 295 27.42 -17.75 -0.03
C THR A 295 26.08 -18.11 0.60
N LYS A 296 25.24 -17.12 0.88
CA LYS A 296 23.93 -17.41 1.45
C LYS A 296 23.05 -18.17 0.46
N THR A 297 23.14 -17.82 -0.83
CA THR A 297 22.39 -18.55 -1.84
C THR A 297 22.68 -20.04 -1.75
N LEU A 298 23.95 -20.41 -1.67
CA LEU A 298 24.31 -21.82 -1.56
C LEU A 298 23.87 -22.39 -0.22
N LYS A 299 24.11 -21.67 0.87
CA LYS A 299 23.88 -22.26 2.20
C LYS A 299 22.40 -22.52 2.45
N VAL A 300 21.51 -21.60 2.06
CA VAL A 300 20.10 -21.79 2.37
C VAL A 300 19.54 -22.99 1.59
N VAL A 301 19.87 -23.11 0.30
CA VAL A 301 19.36 -24.24 -0.46
C VAL A 301 19.99 -25.54 0.01
N MET A 302 21.29 -25.50 0.36
CA MET A 302 21.91 -26.67 0.95
C MET A 302 21.12 -27.13 2.15
N ALA A 303 20.82 -26.21 3.06
CA ALA A 303 20.08 -26.55 4.26
C ALA A 303 18.73 -27.16 3.92
N VAL A 304 17.95 -26.47 3.07
CA VAL A 304 16.58 -26.94 2.84
C VAL A 304 16.59 -28.31 2.18
N VAL A 305 17.40 -28.48 1.12
CA VAL A 305 17.41 -29.75 0.40
C VAL A 305 17.86 -30.87 1.32
N ILE A 306 18.98 -30.66 2.04
CA ILE A 306 19.55 -31.74 2.82
C ILE A 306 18.65 -32.11 3.99
N CYS A 307 18.03 -31.12 4.65
CA CYS A 307 17.16 -31.47 5.77
C CYS A 307 15.89 -32.14 5.27
N PHE A 308 15.34 -31.67 4.15
CA PHE A 308 14.20 -32.36 3.55
C PHE A 308 14.51 -33.82 3.32
N PHE A 309 15.64 -34.09 2.64
CA PHE A 309 16.04 -35.48 2.42
C PHE A 309 16.17 -36.24 3.73
N ILE A 310 16.95 -35.69 4.67
CA ILE A 310 17.32 -36.41 5.88
C ILE A 310 16.08 -36.75 6.70
N PHE A 311 15.10 -35.85 6.74
CA PHE A 311 13.95 -36.05 7.62
C PHE A 311 12.77 -36.74 6.94
N TRP A 312 12.64 -36.66 5.60
CA TRP A 312 11.53 -37.35 4.97
C TRP A 312 11.89 -38.76 4.47
N LEU A 313 13.14 -39.01 4.09
CA LEU A 313 13.46 -40.32 3.55
C LEU A 313 13.13 -41.48 4.50
N PRO A 314 13.45 -41.42 5.79
CA PRO A 314 13.10 -42.57 6.64
C PRO A 314 11.61 -42.88 6.63
N TYR A 315 10.75 -41.86 6.68
CA TYR A 315 9.32 -42.11 6.59
C TYR A 315 8.94 -42.82 5.31
N GLN A 316 9.49 -42.37 4.18
CA GLN A 316 9.05 -42.90 2.90
C GLN A 316 9.55 -44.33 2.69
N VAL A 317 10.80 -44.60 3.10
CA VAL A 317 11.31 -45.96 2.97
C VAL A 317 10.58 -46.91 3.92
N THR A 318 10.27 -46.44 5.13
CA THR A 318 9.46 -47.27 6.03
C THR A 318 8.06 -47.48 5.46
N GLY A 319 7.48 -46.48 4.80
CA GLY A 319 6.21 -46.66 4.14
C GLY A 319 6.25 -47.66 3.02
N VAL A 320 7.35 -47.74 2.29
CA VAL A 320 7.52 -48.80 1.32
C VAL A 320 7.54 -50.16 2.01
N MET A 321 8.43 -50.33 2.99
CA MET A 321 8.65 -51.69 3.50
C MET A 321 7.51 -52.16 4.39
N ILE A 322 6.70 -51.24 4.92
CA ILE A 322 5.53 -51.65 5.70
C ILE A 322 4.44 -52.20 4.79
N ALA A 323 4.58 -52.03 3.47
CA ALA A 323 3.61 -52.53 2.52
C ALA A 323 4.14 -53.73 1.73
N TRP A 324 5.41 -53.69 1.33
CA TRP A 324 5.94 -54.71 0.43
C TRP A 324 6.53 -55.91 1.15
N LEU A 325 6.71 -55.83 2.47
CA LEU A 325 7.11 -57.03 3.21
C LEU A 325 5.91 -57.98 3.32
N PRO A 326 6.12 -59.29 3.22
CA PRO A 326 5.02 -60.23 3.39
C PRO A 326 4.39 -60.09 4.76
N PRO A 327 3.06 -60.20 4.87
CA PRO A 327 2.45 -60.16 6.20
C PRO A 327 2.98 -61.23 7.14
N SER A 328 3.44 -62.36 6.60
CA SER A 328 4.22 -63.29 7.40
C SER A 328 5.58 -62.65 7.62
N SER A 329 5.72 -61.95 8.75
CA SER A 329 6.73 -60.92 8.88
C SER A 329 8.14 -61.50 8.97
N PRO A 330 9.05 -61.19 8.04
CA PRO A 330 10.46 -61.51 8.24
C PRO A 330 11.18 -60.49 9.10
N THR A 331 10.82 -59.21 8.92
CA THR A 331 11.47 -58.11 9.64
C THR A 331 10.49 -57.03 10.10
N LEU A 332 9.19 -57.25 9.98
CA LEU A 332 8.21 -56.20 10.24
C LEU A 332 8.14 -55.80 11.70
N LYS A 333 8.74 -56.60 12.60
CA LYS A 333 8.70 -56.27 14.02
C LYS A 333 9.35 -54.92 14.31
N ARG A 334 10.50 -54.64 13.69
CA ARG A 334 11.15 -53.35 13.87
C ARG A 334 10.38 -52.24 13.15
N VAL A 335 9.80 -52.56 11.99
CA VAL A 335 9.08 -51.57 11.20
C VAL A 335 7.90 -51.03 11.99
N GLU A 336 7.17 -51.92 12.68
CA GLU A 336 5.96 -51.50 13.38
C GLU A 336 6.25 -50.36 14.35
N LYS A 337 7.32 -50.48 15.14
CA LYS A 337 7.68 -49.43 16.07
C LYS A 337 8.34 -48.24 15.37
N LEU A 338 9.16 -48.52 14.35
CA LEU A 338 9.95 -47.46 13.73
C LEU A 338 9.08 -46.49 12.94
N ASN A 339 7.88 -46.92 12.53
CA ASN A 339 7.03 -46.05 11.72
C ASN A 339 6.67 -44.77 12.44
N SER A 340 6.33 -44.86 13.73
CA SER A 340 5.96 -43.66 14.49
C SER A 340 7.12 -42.69 14.58
N LEU A 341 8.32 -43.20 14.89
CA LEU A 341 9.50 -42.33 14.95
C LEU A 341 9.74 -41.68 13.60
N CYS A 342 9.51 -42.40 12.51
CA CYS A 342 9.70 -41.81 11.19
C CYS A 342 8.70 -40.70 10.93
N VAL A 343 7.45 -40.88 11.36
CA VAL A 343 6.47 -39.80 11.22
C VAL A 343 6.92 -38.56 12.00
N SER A 344 7.44 -38.77 13.22
CA SER A 344 7.95 -37.63 13.99
C SER A 344 9.11 -36.95 13.27
N LEU A 345 10.02 -37.73 12.68
CA LEU A 345 11.10 -37.13 11.91
C LEU A 345 10.56 -36.31 10.75
N ALA A 346 9.48 -36.79 10.11
CA ALA A 346 8.83 -36.00 9.08
C ALA A 346 8.33 -34.68 9.66
N TYR A 347 7.80 -34.70 10.88
CA TYR A 347 7.37 -33.46 11.52
C TYR A 347 8.55 -32.51 11.79
N ILE A 348 9.75 -33.04 11.93
CA ILE A 348 10.90 -32.14 12.10
C ILE A 348 11.04 -31.22 10.90
N ASN A 349 10.74 -31.71 9.70
CA ASN A 349 10.73 -30.84 8.51
C ASN A 349 9.72 -29.73 8.66
N CYS A 350 8.53 -30.05 9.17
CA CYS A 350 7.55 -29.01 9.49
C CYS A 350 8.15 -27.97 10.40
N CYS A 351 8.89 -28.42 11.42
CA CYS A 351 9.49 -27.48 12.36
C CYS A 351 10.47 -26.55 11.65
N VAL A 352 11.31 -27.10 10.77
CA VAL A 352 12.37 -26.27 10.18
C VAL A 352 11.90 -25.42 9.01
N ASN A 353 10.72 -25.68 8.44
CA ASN A 353 10.30 -24.86 7.31
C ASN A 353 10.21 -23.37 7.65
N PRO A 354 9.55 -22.93 8.73
CA PRO A 354 9.56 -21.50 9.05
C PRO A 354 10.94 -20.95 9.36
N ILE A 355 11.82 -21.78 9.92
CA ILE A 355 13.11 -21.30 10.40
C ILE A 355 13.95 -20.79 9.23
N ILE A 356 13.97 -21.52 8.13
CA ILE A 356 14.72 -21.08 6.97
C ILE A 356 14.21 -19.74 6.49
N TYR A 357 12.88 -19.56 6.46
CA TYR A 357 12.33 -18.31 5.96
C TYR A 357 12.72 -17.14 6.86
N VAL A 358 12.57 -17.30 8.18
CA VAL A 358 12.86 -16.17 9.07
C VAL A 358 14.36 -15.89 9.13
N MET A 359 15.20 -16.93 9.08
CA MET A 359 16.65 -16.72 9.17
C MET A 359 17.21 -16.17 7.87
N ALA A 360 16.73 -16.65 6.73
CA ALA A 360 17.25 -16.21 5.44
C ALA A 360 16.60 -14.91 4.96
N GLY A 361 15.55 -14.46 5.63
CA GLY A 361 14.88 -13.24 5.20
C GLY A 361 15.85 -12.08 5.07
N GLN A 362 15.43 -11.05 4.35
CA GLN A 362 16.25 -9.87 4.10
C GLN A 362 15.88 -8.80 5.12
N GLY A 363 15.53 -9.23 6.32
CA GLY A 363 15.03 -8.36 7.37
C GLY A 363 14.31 -9.16 8.43
N PHE A 364 13.02 -8.84 8.65
CA PHE A 364 12.13 -9.65 9.48
C PHE A 364 12.37 -9.49 10.97
N HIS A 365 13.42 -8.76 11.37
CA HIS A 365 13.68 -8.56 12.79
C HIS A 365 12.56 -7.77 13.45
N GLY A 366 11.92 -6.87 12.72
CA GLY A 366 10.81 -6.10 13.24
C GLY A 366 9.61 -6.12 12.30
N ARG A 367 9.69 -6.91 11.23
CA ARG A 367 8.63 -6.94 10.24
C ARG A 367 7.33 -7.49 10.83
N LEU A 368 7.42 -8.40 11.80
CA LEU A 368 6.21 -8.93 12.42
C LEU A 368 5.38 -7.83 13.06
N LEU A 369 6.04 -6.81 13.62
CA LEU A 369 5.34 -5.68 14.21
C LEU A 369 5.13 -4.55 13.21
N ARG A 370 5.97 -4.46 12.18
CA ARG A 370 5.82 -3.43 11.16
C ARG A 370 4.68 -3.73 10.19
N SER A 371 4.12 -4.93 10.23
CA SER A 371 3.01 -5.29 9.34
C SER A 371 1.76 -4.49 9.69
N LEU B 17 -24.33 1.24 9.73
CA LEU B 17 -24.72 0.91 8.33
C LEU B 17 -24.69 2.15 7.45
N SER B 18 -24.03 2.02 6.29
CA SER B 18 -23.89 3.16 5.39
C SER B 18 -25.19 3.47 4.67
N ALA B 19 -25.42 4.76 4.44
CA ALA B 19 -26.46 5.23 3.53
C ALA B 19 -25.94 5.10 2.11
N GLU B 20 -26.54 5.81 1.16
CA GLU B 20 -26.11 5.75 -0.24
C GLU B 20 -24.65 6.15 -0.41
N GLU B 21 -23.97 6.51 0.68
CA GLU B 21 -22.52 6.65 0.65
C GLU B 21 -21.82 5.33 0.34
N ARG B 22 -22.55 4.22 0.36
CA ARG B 22 -22.00 2.98 -0.17
C ARG B 22 -21.56 3.15 -1.61
N ALA B 23 -22.20 4.06 -2.36
CA ALA B 23 -21.73 4.40 -3.69
C ALA B 23 -20.35 5.04 -3.65
N ALA B 24 -20.08 5.92 -2.69
CA ALA B 24 -18.75 6.50 -2.54
C ALA B 24 -17.73 5.42 -2.19
N LEU B 25 -18.11 4.49 -1.32
CA LEU B 25 -17.21 3.38 -0.99
C LEU B 25 -16.91 2.53 -2.23
N GLU B 26 -17.93 2.28 -3.04
CA GLU B 26 -17.74 1.54 -4.28
C GLU B 26 -16.82 2.30 -5.22
N ARG B 27 -16.96 3.62 -5.30
CA ARG B 27 -16.01 4.42 -6.07
C ARG B 27 -14.60 4.27 -5.53
N SER B 28 -14.46 4.23 -4.20
CA SER B 28 -13.14 4.06 -3.61
C SER B 28 -12.50 2.76 -4.05
N LYS B 29 -13.28 1.68 -4.05
CA LYS B 29 -12.76 0.40 -4.52
C LYS B 29 -12.40 0.46 -6.01
N ALA B 30 -13.23 1.12 -6.82
CA ALA B 30 -12.91 1.28 -8.23
C ALA B 30 -11.62 2.07 -8.44
N ILE B 31 -11.39 3.10 -7.63
CA ILE B 31 -10.11 3.81 -7.65
C ILE B 31 -8.98 2.84 -7.35
N GLU B 32 -9.11 2.09 -6.25
CA GLU B 32 -8.04 1.19 -5.84
C GLU B 32 -7.68 0.19 -6.93
N LYS B 33 -8.68 -0.28 -7.67
CA LYS B 33 -8.39 -1.27 -8.71
C LYS B 33 -7.44 -0.69 -9.75
N ASN B 34 -7.68 0.54 -10.20
CA ASN B 34 -6.81 1.14 -11.19
C ASN B 34 -5.47 1.57 -10.61
N LEU B 35 -5.42 1.97 -9.33
CA LEU B 35 -4.12 2.15 -8.69
C LEU B 35 -3.30 0.87 -8.77
N LYS B 36 -3.91 -0.27 -8.44
CA LYS B 36 -3.20 -1.54 -8.48
C LYS B 36 -2.77 -1.87 -9.91
N GLU B 37 -3.65 -1.65 -10.89
CA GLU B 37 -3.31 -1.95 -12.27
C GLU B 37 -2.14 -1.10 -12.74
N ASP B 38 -2.19 0.21 -12.48
CA ASP B 38 -1.09 1.08 -12.87
C ASP B 38 0.19 0.73 -12.15
N GLY B 39 0.09 0.29 -10.89
CA GLY B 39 1.29 -0.14 -10.18
C GLY B 39 1.92 -1.37 -10.79
N ILE B 40 1.10 -2.36 -11.15
CA ILE B 40 1.62 -3.55 -11.81
C ILE B 40 2.25 -3.18 -13.15
N SER B 41 1.65 -2.22 -13.86
CA SER B 41 2.23 -1.76 -15.12
C SER B 41 3.57 -1.07 -14.88
N ALA B 42 3.65 -0.24 -13.84
CA ALA B 42 4.85 0.55 -13.59
C ALA B 42 6.01 -0.29 -13.06
N ALA B 43 5.72 -1.31 -12.25
CA ALA B 43 6.78 -2.22 -11.80
C ALA B 43 7.35 -3.03 -12.95
N LYS B 44 6.71 -3.00 -14.12
CA LYS B 44 7.14 -3.73 -15.30
C LYS B 44 8.17 -2.95 -16.13
N ASP B 45 8.71 -1.86 -15.59
CA ASP B 45 9.66 -1.02 -16.30
C ASP B 45 10.91 -0.85 -15.46
N VAL B 46 12.02 -0.54 -16.13
CA VAL B 46 13.33 -0.44 -15.50
C VAL B 46 13.76 1.03 -15.52
N LYS B 47 14.28 1.50 -14.40
CA LYS B 47 14.63 2.91 -14.22
C LYS B 47 16.14 3.05 -14.20
N LEU B 48 16.66 3.98 -15.01
CA LEU B 48 18.10 4.25 -15.09
C LEU B 48 18.31 5.75 -14.90
N LEU B 49 19.07 6.12 -13.87
CA LEU B 49 19.47 7.51 -13.68
C LEU B 49 20.74 7.77 -14.47
N LEU B 50 20.70 8.77 -15.33
CA LEU B 50 21.77 9.00 -16.31
C LEU B 50 22.57 10.22 -15.86
N LEU B 51 23.88 10.06 -15.73
CA LEU B 51 24.74 11.07 -15.15
C LEU B 51 26.02 11.23 -15.96
N GLY B 52 26.66 12.38 -15.81
CA GLY B 52 27.90 12.66 -16.49
C GLY B 52 28.16 14.15 -16.55
N ALA B 53 29.29 14.49 -17.15
CA ALA B 53 29.67 15.88 -17.31
C ALA B 53 29.00 16.48 -18.55
N ASP B 54 29.15 17.79 -18.71
CA ASP B 54 28.57 18.47 -19.86
C ASP B 54 29.29 18.05 -21.14
N ASN B 55 28.52 17.87 -22.20
CA ASN B 55 29.03 17.46 -23.52
C ASN B 55 29.72 16.10 -23.48
N SER B 56 29.57 15.35 -22.40
CA SER B 56 30.24 14.05 -22.30
C SER B 56 29.53 12.97 -23.11
N GLY B 57 28.32 13.22 -23.56
CA GLY B 57 27.54 12.24 -24.28
C GLY B 57 26.35 11.67 -23.53
N LYS B 58 25.92 12.31 -22.44
CA LYS B 58 24.69 11.90 -21.78
C LYS B 58 23.56 11.75 -22.79
N SER B 59 23.37 12.76 -23.64
CA SER B 59 22.32 12.70 -24.64
C SER B 59 22.70 11.78 -25.80
N THR B 60 24.00 11.67 -26.10
CA THR B 60 24.44 10.87 -27.24
C THR B 60 24.13 9.39 -27.03
N ILE B 61 24.21 8.91 -25.79
CA ILE B 61 23.95 7.50 -25.53
C ILE B 61 22.53 7.12 -25.94
N VAL B 62 21.56 7.99 -25.63
CA VAL B 62 20.18 7.70 -26.03
C VAL B 62 19.93 8.10 -27.48
N LYS B 63 20.68 9.07 -28.00
CA LYS B 63 20.54 9.42 -29.41
C LYS B 63 20.92 8.25 -30.30
N GLN B 64 22.02 7.56 -29.96
CA GLN B 64 22.33 6.31 -30.64
C GLN B 64 21.40 5.20 -30.18
N MET B 65 20.85 5.31 -28.97
CA MET B 65 19.91 4.31 -28.46
C MET B 65 18.48 4.63 -28.91
N LYS B 66 18.31 4.87 -30.21
CA LYS B 66 17.03 4.92 -30.90
C LYS B 66 16.10 6.03 -30.41
N ILE B 67 16.55 6.94 -29.57
CA ILE B 67 15.73 8.09 -29.19
C ILE B 67 16.62 9.27 -28.78
N GLY B 80 14.45 21.48 -17.34
CA GLY B 80 13.96 20.57 -16.32
C GLY B 80 14.39 19.13 -16.55
N ILE B 81 13.95 18.23 -15.67
CA ILE B 81 14.24 16.82 -15.84
C ILE B 81 13.59 16.33 -17.12
N VAL B 82 14.32 15.48 -17.86
CA VAL B 82 13.83 14.91 -19.11
C VAL B 82 13.96 13.40 -19.01
N GLU B 83 12.83 12.70 -19.06
CA GLU B 83 12.86 11.25 -19.11
C GLU B 83 12.92 10.77 -20.56
N THR B 84 13.65 9.69 -20.78
CA THR B 84 13.80 9.10 -22.11
C THR B 84 13.57 7.60 -21.99
N HIS B 85 12.91 7.01 -22.99
CA HIS B 85 12.53 5.62 -22.88
C HIS B 85 12.66 4.92 -24.22
N PHE B 86 12.94 3.61 -24.15
CA PHE B 86 13.00 2.73 -25.30
C PHE B 86 12.88 1.30 -24.80
N THR B 87 12.38 0.42 -25.67
CA THR B 87 12.18 -0.99 -25.35
C THR B 87 13.25 -1.82 -26.02
N PHE B 88 13.74 -2.85 -25.33
CA PHE B 88 14.80 -3.70 -25.85
C PHE B 88 14.74 -5.05 -25.15
N LYS B 89 14.66 -6.12 -25.93
CA LYS B 89 14.54 -7.49 -25.44
C LYS B 89 13.46 -7.58 -24.36
N ASN B 90 12.32 -6.96 -24.66
CA ASN B 90 11.10 -7.02 -23.85
C ASN B 90 11.26 -6.40 -22.47
N LEU B 91 12.30 -5.60 -22.25
CA LEU B 91 12.32 -4.67 -21.12
C LEU B 91 12.03 -3.26 -21.61
N HIS B 92 11.29 -2.51 -20.79
CA HIS B 92 10.99 -1.11 -21.07
C HIS B 92 11.89 -0.25 -20.21
N PHE B 93 12.79 0.49 -20.85
CA PHE B 93 13.79 1.29 -20.17
C PHE B 93 13.32 2.74 -20.11
N ARG B 94 13.46 3.34 -18.93
CA ARG B 94 13.24 4.78 -18.75
C ARG B 94 14.51 5.39 -18.19
N LEU B 95 15.17 6.23 -19.00
CA LEU B 95 16.43 6.85 -18.64
C LEU B 95 16.17 8.31 -18.30
N PHE B 96 16.53 8.71 -17.07
CA PHE B 96 16.29 10.06 -16.58
C PHE B 96 17.60 10.83 -16.60
N ASP B 97 17.64 11.91 -17.40
CA ASP B 97 18.80 12.80 -17.45
C ASP B 97 18.60 13.93 -16.44
N VAL B 98 18.74 13.58 -15.16
CA VAL B 98 18.53 14.53 -14.09
C VAL B 98 19.60 15.62 -14.06
N GLY B 99 20.64 15.48 -14.87
CA GLY B 99 21.73 16.45 -14.86
C GLY B 99 21.32 17.84 -15.29
N GLY B 100 20.11 17.97 -15.83
CA GLY B 100 19.62 19.29 -16.21
C GLY B 100 19.29 20.19 -15.05
N GLN B 101 19.13 19.62 -13.84
CA GLN B 101 18.86 20.40 -12.64
C GLN B 101 20.13 21.11 -12.21
N ARG B 102 20.22 22.40 -12.52
CA ARG B 102 21.34 23.22 -12.05
C ARG B 102 21.03 23.76 -10.65
N SER B 103 20.71 22.86 -9.72
CA SER B 103 20.32 23.22 -8.37
C SER B 103 21.00 22.29 -7.39
N GLU B 104 20.73 22.50 -6.11
CA GLU B 104 21.38 21.73 -5.05
C GLU B 104 21.08 20.25 -5.19
N ARG B 105 22.11 19.48 -5.56
CA ARG B 105 21.91 18.05 -5.84
C ARG B 105 21.52 17.28 -4.58
N LYS B 106 22.09 17.66 -3.43
CA LYS B 106 21.82 16.93 -2.21
C LYS B 106 20.37 17.02 -1.76
N LYS B 107 19.59 17.96 -2.30
CA LYS B 107 18.21 18.17 -1.87
C LYS B 107 17.19 17.47 -2.76
N TRP B 108 17.61 16.93 -3.91
CA TRP B 108 16.70 16.23 -4.80
C TRP B 108 17.24 14.89 -5.30
N ILE B 109 18.50 14.55 -5.03
CA ILE B 109 19.04 13.28 -5.52
C ILE B 109 18.32 12.10 -4.90
N HIS B 110 17.74 12.29 -3.71
CA HIS B 110 17.02 11.22 -3.06
C HIS B 110 15.71 10.87 -3.75
N CYS B 111 15.29 11.67 -4.74
CA CYS B 111 14.16 11.27 -5.57
C CYS B 111 14.47 10.00 -6.34
N PHE B 112 15.75 9.78 -6.67
CA PHE B 112 16.16 8.63 -7.46
C PHE B 112 16.67 7.46 -6.62
N GLU B 113 16.47 7.49 -5.31
CA GLU B 113 16.63 6.28 -4.53
C GLU B 113 15.66 5.23 -5.04
N ASP B 114 16.16 4.01 -5.20
CA ASP B 114 15.41 2.88 -5.75
C ASP B 114 15.23 2.98 -7.27
N VAL B 115 16.17 3.60 -7.99
CA VAL B 115 16.30 3.35 -9.42
C VAL B 115 17.00 2.02 -9.58
N THR B 116 16.90 1.40 -10.76
CA THR B 116 17.54 0.11 -10.97
C THR B 116 19.06 0.25 -11.01
N ALA B 117 19.55 1.26 -11.70
CA ALA B 117 21.00 1.44 -11.87
C ALA B 117 21.27 2.89 -12.23
N ILE B 118 22.54 3.26 -12.18
CA ILE B 118 23.01 4.58 -12.59
C ILE B 118 23.86 4.38 -13.85
N ILE B 119 23.63 5.22 -14.85
CA ILE B 119 24.20 5.03 -16.18
C ILE B 119 25.36 6.00 -16.36
N PHE B 120 26.03 6.32 -15.25
CA PHE B 120 27.09 7.32 -15.24
C PHE B 120 28.02 7.14 -16.43
N CYS B 121 28.30 8.24 -17.13
CA CYS B 121 29.15 8.22 -18.31
C CYS B 121 30.09 9.41 -18.28
N VAL B 122 31.27 9.25 -18.86
CA VAL B 122 32.32 10.25 -18.85
C VAL B 122 32.95 10.33 -20.24
N ASP B 123 33.46 11.52 -20.58
CA ASP B 123 34.14 11.74 -21.86
C ASP B 123 35.64 11.68 -21.62
N LEU B 124 36.30 10.72 -22.27
CA LEU B 124 37.73 10.51 -22.04
C LEU B 124 38.57 11.69 -22.55
N SER B 125 38.09 12.38 -23.59
CA SER B 125 38.86 13.48 -24.15
C SER B 125 38.92 14.68 -23.22
N ASP B 126 38.03 14.77 -22.24
CA ASP B 126 38.02 15.90 -21.32
C ASP B 126 39.19 15.83 -20.35
N MET B 130 37.91 16.54 -17.18
CA MET B 130 38.06 15.20 -16.64
C MET B 130 37.77 15.15 -15.14
N HIS B 131 38.52 15.93 -14.37
CA HIS B 131 38.50 15.79 -12.92
C HIS B 131 37.14 16.11 -12.32
N GLU B 132 36.35 16.98 -12.97
CA GLU B 132 34.98 17.17 -12.51
C GLU B 132 34.20 15.87 -12.56
N SER B 133 34.42 15.06 -13.60
CA SER B 133 33.76 13.78 -13.71
C SER B 133 34.17 12.86 -12.55
N LEU B 134 35.46 12.84 -12.21
CA LEU B 134 35.91 11.99 -11.11
C LEU B 134 35.33 12.46 -9.78
N MET B 135 35.27 13.77 -9.55
CA MET B 135 34.67 14.26 -8.31
C MET B 135 33.20 13.88 -8.22
N LEU B 136 32.45 14.06 -9.31
CA LEU B 136 31.05 13.69 -9.31
C LEU B 136 30.88 12.19 -9.09
N PHE B 137 31.75 11.38 -9.72
CA PHE B 137 31.69 9.94 -9.56
C PHE B 137 31.95 9.53 -8.12
N ASP B 138 32.92 10.18 -7.47
CA ASP B 138 33.19 9.90 -6.07
C ASP B 138 31.97 10.23 -5.21
N SER B 139 31.35 11.39 -5.48
CA SER B 139 30.17 11.75 -4.70
C SER B 139 29.02 10.76 -4.92
N ILE B 140 28.82 10.30 -6.15
CA ILE B 140 27.71 9.43 -6.46
C ILE B 140 27.92 8.04 -5.87
N CYS B 141 29.11 7.48 -6.02
CA CYS B 141 29.34 6.10 -5.57
C CYS B 141 29.12 5.96 -4.08
N ASN B 142 29.55 6.96 -3.30
CA ASN B 142 29.56 6.89 -1.84
C ASN B 142 28.41 7.66 -1.21
N ASN B 143 27.32 7.87 -1.95
CA ASN B 143 26.13 8.48 -1.39
C ASN B 143 25.37 7.47 -0.55
N LYS B 144 24.75 7.94 0.54
CA LYS B 144 24.02 7.02 1.40
C LYS B 144 22.80 6.44 0.71
N PHE B 145 22.25 7.15 -0.28
CA PHE B 145 21.08 6.64 -1.00
C PHE B 145 21.48 5.57 -2.01
N PHE B 146 22.62 5.75 -2.67
CA PHE B 146 23.10 4.80 -3.68
C PHE B 146 24.11 3.81 -3.11
N ILE B 147 23.96 3.41 -1.85
CA ILE B 147 24.94 2.52 -1.23
C ILE B 147 24.99 1.18 -1.97
N ASP B 148 23.83 0.64 -2.33
CA ASP B 148 23.75 -0.65 -2.99
C ASP B 148 23.46 -0.55 -4.48
N THR B 149 23.17 0.64 -4.99
CA THR B 149 22.81 0.79 -6.40
C THR B 149 24.06 0.66 -7.27
N SER B 150 24.06 -0.33 -8.15
CA SER B 150 25.19 -0.56 -9.03
C SER B 150 25.24 0.49 -10.13
N ILE B 151 26.43 0.71 -10.67
CA ILE B 151 26.70 1.77 -11.63
C ILE B 151 27.17 1.15 -12.94
N ILE B 152 26.53 1.55 -14.04
CA ILE B 152 26.97 1.14 -15.37
C ILE B 152 27.82 2.26 -15.95
N LEU B 153 29.13 2.19 -15.68
CA LEU B 153 30.03 3.27 -16.06
C LEU B 153 30.40 3.18 -17.53
N PHE B 154 30.11 4.24 -18.28
CA PHE B 154 30.43 4.32 -19.70
C PHE B 154 31.59 5.29 -19.89
N LEU B 155 32.70 4.80 -20.43
CA LEU B 155 33.83 5.65 -20.80
C LEU B 155 33.65 6.01 -22.26
N ASN B 156 33.08 7.19 -22.50
CA ASN B 156 32.68 7.58 -23.85
C ASN B 156 33.86 8.14 -24.63
N LYS B 157 33.61 8.42 -25.91
CA LYS B 157 34.57 9.06 -26.81
C LYS B 157 35.87 8.26 -26.90
N LYS B 158 35.78 6.92 -26.81
CA LYS B 158 36.99 6.10 -26.80
C LYS B 158 37.76 6.18 -28.11
N ASP B 159 37.11 6.60 -29.20
CA ASP B 159 37.81 6.69 -30.48
C ASP B 159 38.75 7.89 -30.51
N LEU B 160 38.20 9.09 -30.33
CA LEU B 160 39.01 10.30 -30.36
C LEU B 160 39.92 10.44 -29.14
N PHE B 161 39.67 9.66 -28.08
CA PHE B 161 40.66 9.57 -27.01
C PHE B 161 41.99 9.02 -27.55
N GLY B 162 41.94 8.16 -28.56
CA GLY B 162 43.17 7.72 -29.19
C GLY B 162 43.91 8.87 -29.86
N GLU B 163 43.18 9.72 -30.59
CA GLU B 163 43.81 10.87 -31.19
C GLU B 163 44.42 11.80 -30.14
N LYS B 164 43.75 11.96 -29.01
CA LYS B 164 44.33 12.74 -27.93
C LYS B 164 45.61 12.10 -27.40
N ILE B 165 45.52 10.83 -27.00
CA ILE B 165 46.64 10.19 -26.32
C ILE B 165 47.85 10.09 -27.24
N LYS B 166 47.62 9.97 -28.54
CA LYS B 166 48.74 9.91 -29.47
C LYS B 166 49.46 11.24 -29.65
N LYS B 167 48.92 12.34 -29.11
CA LYS B 167 49.53 13.65 -29.27
C LYS B 167 49.71 14.42 -27.97
N SER B 168 49.00 14.08 -26.90
CA SER B 168 49.13 14.77 -25.62
C SER B 168 49.03 13.74 -24.51
N PRO B 169 50.16 13.17 -24.08
CA PRO B 169 50.12 12.05 -23.14
C PRO B 169 49.25 12.28 -21.91
N LEU B 170 48.87 11.19 -21.25
CA LEU B 170 47.96 11.26 -20.11
C LEU B 170 48.56 12.01 -18.92
N THR B 171 49.88 12.21 -18.91
CA THR B 171 50.49 13.00 -17.85
C THR B 171 49.99 14.43 -17.86
N ILE B 172 49.43 14.89 -19.00
CA ILE B 172 48.84 16.23 -19.06
C ILE B 172 47.63 16.35 -18.15
N CYS B 173 46.99 15.24 -17.81
CA CYS B 173 45.80 15.22 -16.96
C CYS B 173 46.00 14.46 -15.66
N PHE B 174 46.79 13.38 -15.68
CA PHE B 174 47.23 12.68 -14.48
C PHE B 174 48.75 12.66 -14.49
N PRO B 175 49.40 13.71 -13.98
CA PRO B 175 50.86 13.71 -13.90
C PRO B 175 51.40 12.55 -13.08
N GLU B 176 50.53 11.96 -12.25
CA GLU B 176 50.91 10.81 -11.44
C GLU B 176 50.99 9.52 -12.25
N TYR B 177 50.73 9.59 -13.56
CA TYR B 177 50.68 8.41 -14.41
C TYR B 177 52.07 7.86 -14.70
N THR B 178 52.54 6.93 -13.87
CA THR B 178 53.81 6.24 -14.09
C THR B 178 53.56 5.01 -14.98
N GLY B 179 53.30 5.28 -16.25
CA GLY B 179 53.05 4.24 -17.21
C GLY B 179 53.35 4.69 -18.63
N PRO B 180 53.36 3.76 -19.57
CA PRO B 180 53.65 4.12 -20.96
C PRO B 180 52.51 4.93 -21.55
N ASN B 181 52.82 5.57 -22.69
CA ASN B 181 51.82 6.36 -23.40
C ASN B 181 51.03 5.46 -24.35
N THR B 182 51.02 4.15 -24.08
CA THR B 182 50.25 3.22 -24.89
C THR B 182 48.76 3.38 -24.60
N TYR B 183 47.95 3.06 -25.60
CA TYR B 183 46.51 3.30 -25.51
C TYR B 183 45.86 2.46 -24.42
N GLU B 184 46.09 1.14 -24.45
CA GLU B 184 45.35 0.25 -23.57
C GLU B 184 45.64 0.55 -22.10
N ASP B 185 46.91 0.76 -21.76
CA ASP B 185 47.26 1.00 -20.37
C ASP B 185 46.72 2.34 -19.89
N ALA B 186 46.70 3.36 -20.76
CA ALA B 186 46.13 4.64 -20.37
C ALA B 186 44.63 4.51 -20.09
N ALA B 187 43.90 3.85 -20.98
CA ALA B 187 42.47 3.66 -20.75
C ALA B 187 42.24 2.86 -19.48
N ALA B 188 43.03 1.81 -19.27
CA ALA B 188 42.87 1.01 -18.05
C ALA B 188 43.20 1.80 -16.81
N TYR B 189 44.18 2.72 -16.88
CA TYR B 189 44.50 3.54 -15.72
C TYR B 189 43.35 4.49 -15.40
N ILE B 190 42.73 5.09 -16.42
CA ILE B 190 41.57 5.94 -16.16
C ILE B 190 40.45 5.13 -15.54
N GLN B 191 40.21 3.93 -16.08
CA GLN B 191 39.17 3.06 -15.54
C GLN B 191 39.45 2.71 -14.08
N ALA B 192 40.71 2.39 -13.77
CA ALA B 192 41.08 2.04 -12.41
C ALA B 192 40.93 3.23 -11.47
N GLN B 193 41.28 4.43 -11.94
CA GLN B 193 41.12 5.61 -11.10
C GLN B 193 39.65 5.87 -10.80
N PHE B 194 38.77 5.71 -11.80
CA PHE B 194 37.34 5.82 -11.52
C PHE B 194 36.88 4.76 -10.53
N GLU B 195 37.29 3.51 -10.72
CA GLU B 195 36.81 2.45 -9.84
C GLU B 195 37.42 2.53 -8.45
N SER B 196 38.52 3.27 -8.29
CA SER B 196 39.12 3.43 -6.97
C SER B 196 38.25 4.27 -6.05
N LYS B 197 37.30 5.02 -6.61
CA LYS B 197 36.36 5.80 -5.79
C LYS B 197 35.33 4.94 -5.09
N ASN B 198 35.27 3.64 -5.39
CA ASN B 198 34.24 2.75 -4.87
C ASN B 198 34.66 2.28 -3.48
N ARG B 199 33.97 2.78 -2.46
CA ARG B 199 34.33 2.52 -1.07
C ARG B 199 33.45 1.46 -0.40
N SER B 200 32.48 0.89 -1.09
CA SER B 200 31.61 -0.11 -0.49
C SER B 200 31.67 -1.41 -1.30
N PRO B 201 32.00 -2.54 -0.68
CA PRO B 201 32.08 -3.80 -1.45
C PRO B 201 30.76 -4.24 -2.06
N ASN B 202 29.63 -3.76 -1.55
CA ASN B 202 28.33 -4.35 -1.87
C ASN B 202 27.75 -3.86 -3.19
N LYS B 203 28.50 -3.10 -3.98
CA LYS B 203 28.03 -2.66 -5.30
C LYS B 203 29.08 -3.01 -6.35
N GLU B 204 28.61 -3.16 -7.59
CA GLU B 204 29.46 -3.48 -8.73
C GLU B 204 29.39 -2.36 -9.75
N ILE B 205 30.48 -2.17 -10.48
CA ILE B 205 30.59 -1.14 -11.51
C ILE B 205 30.81 -1.85 -12.84
N TYR B 206 29.83 -1.75 -13.73
CA TYR B 206 29.87 -2.45 -15.02
C TYR B 206 30.52 -1.57 -16.09
N CYS B 207 31.81 -1.32 -15.91
CA CYS B 207 32.51 -0.39 -16.79
C CYS B 207 32.53 -0.92 -18.21
N HIS B 208 32.25 -0.03 -19.16
CA HIS B 208 32.30 -0.35 -20.58
C HIS B 208 32.70 0.92 -21.33
N MET B 209 33.23 0.73 -22.53
CA MET B 209 33.75 1.84 -23.33
C MET B 209 32.92 1.94 -24.61
N THR B 210 32.47 3.15 -24.93
CA THR B 210 31.33 3.35 -25.82
C THR B 210 31.70 3.60 -27.27
N CYS B 211 32.88 4.19 -27.54
CA CYS B 211 33.47 4.28 -28.88
C CYS B 211 32.65 5.10 -29.88
N ALA B 212 31.50 5.65 -29.46
CA ALA B 212 30.77 6.65 -30.22
C ALA B 212 30.13 6.13 -31.50
N THR B 213 30.39 4.88 -31.88
CA THR B 213 29.54 4.22 -32.86
C THR B 213 28.49 3.34 -32.19
N ASP B 214 28.76 2.92 -30.95
CA ASP B 214 27.75 2.37 -30.06
C ASP B 214 26.93 1.26 -30.73
N THR B 215 25.62 1.25 -30.48
CA THR B 215 24.72 0.22 -30.98
C THR B 215 24.86 -1.07 -30.15
N ASN B 216 25.81 -1.10 -29.23
CA ASN B 216 25.90 -2.19 -28.25
C ASN B 216 25.66 -1.70 -26.84
N ASN B 217 25.43 -0.40 -26.65
CA ASN B 217 25.18 0.13 -25.31
C ASN B 217 23.94 -0.50 -24.70
N ALA B 218 22.91 -0.72 -25.52
CA ALA B 218 21.69 -1.33 -25.02
C ALA B 218 21.97 -2.73 -24.48
N GLN B 219 22.83 -3.50 -25.15
CA GLN B 219 23.15 -4.83 -24.66
C GLN B 219 23.92 -4.77 -23.33
N VAL B 220 24.84 -3.81 -23.19
CA VAL B 220 25.55 -3.66 -21.93
C VAL B 220 24.57 -3.36 -20.81
N ILE B 221 23.68 -2.39 -21.04
CA ILE B 221 22.68 -2.04 -20.03
C ILE B 221 21.79 -3.25 -19.74
N PHE B 222 21.45 -4.02 -20.77
CA PHE B 222 20.57 -5.17 -20.59
C PHE B 222 21.22 -6.22 -19.72
N ASP B 223 22.50 -6.53 -19.97
CA ASP B 223 23.18 -7.51 -19.14
C ASP B 223 23.28 -7.02 -17.70
N ALA B 224 23.63 -5.75 -17.52
CA ALA B 224 23.74 -5.22 -16.16
C ALA B 224 22.40 -5.32 -15.43
N VAL B 225 21.31 -4.93 -16.09
CA VAL B 225 20.01 -4.94 -15.43
C VAL B 225 19.49 -6.36 -15.30
N THR B 226 19.93 -7.30 -16.14
CA THR B 226 19.57 -8.69 -15.95
C THR B 226 20.20 -9.21 -14.67
N ASP B 227 21.47 -8.93 -14.46
CA ASP B 227 22.10 -9.31 -13.20
C ASP B 227 21.41 -8.63 -12.02
N ILE B 228 21.06 -7.35 -12.17
CA ILE B 228 20.42 -6.62 -11.08
C ILE B 228 19.03 -7.21 -10.78
N ILE B 229 18.27 -7.54 -11.82
CA ILE B 229 16.94 -8.10 -11.64
C ILE B 229 17.02 -9.46 -10.96
N ILE B 230 17.95 -10.31 -11.41
CA ILE B 230 18.15 -11.59 -10.77
C ILE B 230 18.50 -11.38 -9.30
N ALA B 231 19.46 -10.50 -9.03
CA ALA B 231 19.88 -10.26 -7.65
C ALA B 231 18.71 -9.79 -6.80
N ASN B 232 17.90 -8.87 -7.31
CA ASN B 232 16.76 -8.36 -6.55
C ASN B 232 15.74 -9.47 -6.29
N ASN B 233 15.54 -10.36 -7.26
CA ASN B 233 14.68 -11.52 -7.03
C ASN B 233 15.23 -12.37 -5.90
N LEU B 234 16.54 -12.58 -5.89
CA LEU B 234 17.17 -13.35 -4.80
C LEU B 234 17.01 -12.65 -3.46
N ARG B 235 17.16 -11.32 -3.41
CA ARG B 235 16.87 -10.59 -2.17
C ARG B 235 15.45 -10.86 -1.71
N GLY B 236 14.48 -10.74 -2.64
CA GLY B 236 13.09 -10.97 -2.28
C GLY B 236 12.86 -12.38 -1.75
N CYS B 237 13.54 -13.36 -2.34
CA CYS B 237 13.38 -14.75 -1.92
C CYS B 237 14.18 -15.10 -0.68
N GLY B 238 15.07 -14.21 -0.23
CA GLY B 238 16.00 -14.55 0.82
C GLY B 238 17.26 -15.25 0.36
N LEU B 239 17.42 -15.46 -0.95
CA LEU B 239 18.60 -16.12 -1.48
C LEU B 239 19.83 -15.23 -1.46
N TYR B 240 19.66 -13.91 -1.36
CA TYR B 240 20.77 -12.98 -1.36
C TYR B 240 20.42 -11.73 -0.56
N GLU C 13 35.68 52.10 -4.38
CA GLU C 13 34.21 52.09 -4.59
C GLU C 13 33.56 50.84 -3.99
N LEU C 14 33.67 49.72 -4.70
CA LEU C 14 32.96 48.51 -4.29
C LEU C 14 33.46 47.99 -2.95
N ASP C 15 34.77 48.12 -2.66
CA ASP C 15 35.26 47.75 -1.34
C ASP C 15 34.60 48.57 -0.24
N GLN C 16 34.37 49.86 -0.51
CA GLN C 16 33.75 50.72 0.49
C GLN C 16 32.35 50.24 0.85
N LEU C 17 31.55 49.87 -0.15
CA LEU C 17 30.20 49.41 0.14
C LEU C 17 30.19 47.96 0.63
N ARG C 18 31.24 47.17 0.39
CA ARG C 18 31.36 45.92 1.13
C ARG C 18 31.56 46.19 2.62
N GLN C 19 32.45 47.13 2.94
CA GLN C 19 32.61 47.54 4.34
C GLN C 19 31.30 48.07 4.89
N GLU C 20 30.52 48.76 4.07
CA GLU C 20 29.22 49.26 4.51
C GLU C 20 28.23 48.12 4.75
N ALA C 21 28.30 47.06 3.95
CA ALA C 21 27.51 45.89 4.23
C ALA C 21 27.85 45.33 5.60
N GLU C 22 29.15 45.23 5.90
CA GLU C 22 29.55 44.79 7.23
C GLU C 22 29.02 45.71 8.31
N GLN C 23 29.09 47.03 8.07
CA GLN C 23 28.64 48.00 9.07
C GLN C 23 27.13 47.86 9.32
N LEU C 24 26.35 47.69 8.26
CA LEU C 24 24.90 47.52 8.42
C LEU C 24 24.58 46.22 9.14
N LYS C 25 25.32 45.15 8.83
CA LYS C 25 25.12 43.91 9.58
C LYS C 25 25.40 44.11 11.06
N ASN C 26 26.46 44.84 11.40
CA ASN C 26 26.76 45.09 12.80
C ASN C 26 25.70 45.98 13.45
N GLN C 27 25.19 46.97 12.72
CA GLN C 27 24.08 47.77 13.25
C GLN C 27 22.88 46.88 13.57
N ILE C 28 22.54 45.98 12.66
CA ILE C 28 21.40 45.09 12.85
C ILE C 28 21.62 44.20 14.07
N ARG C 29 22.82 43.63 14.18
CA ARG C 29 23.12 42.76 15.32
C ARG C 29 23.09 43.52 16.64
N ASP C 30 23.63 44.74 16.66
CA ASP C 30 23.61 45.54 17.88
C ASP C 30 22.19 45.87 18.28
N ALA C 31 21.34 46.23 17.32
CA ALA C 31 19.93 46.49 17.64
C ALA C 31 19.26 45.24 18.17
N ARG C 32 19.55 44.08 17.58
CA ARG C 32 18.92 42.83 18.02
C ARG C 32 19.34 42.49 19.45
N LYS C 33 20.62 42.64 19.76
CA LYS C 33 21.07 42.43 21.15
C LYS C 33 20.47 43.46 22.09
N ALA C 34 20.23 44.69 21.61
CA ALA C 34 19.64 45.71 22.46
C ALA C 34 18.22 45.32 22.87
N CYS C 35 17.47 44.69 21.96
CA CYS C 35 16.10 44.30 22.26
C CYS C 35 16.02 42.98 23.01
N ALA C 36 17.14 42.27 23.18
CA ALA C 36 17.13 40.97 23.83
C ALA C 36 17.20 41.11 25.34
N ASP C 37 16.16 41.67 25.96
CA ASP C 37 16.13 41.82 27.41
C ASP C 37 15.77 40.53 28.13
N ALA C 38 15.37 39.49 27.41
CA ALA C 38 14.99 38.22 28.02
C ALA C 38 15.17 37.11 27.00
N THR C 39 15.05 35.87 27.49
CA THR C 39 15.02 34.69 26.64
C THR C 39 13.75 33.91 26.96
N LEU C 40 13.11 33.38 25.91
CA LEU C 40 11.76 32.84 26.06
C LEU C 40 11.70 31.76 27.12
N SER C 41 12.79 31.01 27.31
CA SER C 41 12.78 29.94 28.29
C SER C 41 12.69 30.45 29.72
N GLN C 42 13.19 31.66 29.99
CA GLN C 42 13.21 32.17 31.36
C GLN C 42 11.99 33.03 31.69
N ILE C 43 11.19 33.43 30.70
CA ILE C 43 9.94 34.11 30.98
C ILE C 43 8.79 33.11 31.02
N THR C 44 8.93 31.99 30.31
CA THR C 44 7.98 30.89 30.39
C THR C 44 8.32 29.92 31.51
N ASN C 45 9.32 30.24 32.34
CA ASN C 45 9.81 29.28 33.32
C ASN C 45 8.73 28.86 34.31
N ASN C 46 7.76 29.73 34.58
CA ASN C 46 6.72 29.43 35.56
C ASN C 46 5.56 28.64 34.97
N ILE C 47 5.54 28.41 33.66
CA ILE C 47 4.41 27.72 33.04
C ILE C 47 4.53 26.22 33.30
N ASP C 48 3.39 25.58 33.55
CA ASP C 48 3.37 24.14 33.72
C ASP C 48 3.64 23.46 32.37
N PRO C 49 4.30 22.30 32.36
CA PRO C 49 4.48 21.59 31.09
C PRO C 49 3.16 21.05 30.57
N VAL C 50 3.08 20.89 29.25
CA VAL C 50 1.86 20.43 28.62
C VAL C 50 1.55 18.98 28.99
N GLY C 51 2.48 18.28 29.61
CA GLY C 51 2.30 16.88 29.94
C GLY C 51 2.75 15.98 28.81
N ARG C 52 2.40 14.69 28.94
CA ARG C 52 2.71 13.74 27.89
C ARG C 52 1.65 13.80 26.80
N ILE C 53 2.10 13.98 25.56
CA ILE C 53 1.20 13.97 24.40
C ILE C 53 1.12 12.52 23.92
N GLN C 54 0.17 11.78 24.50
CA GLN C 54 -0.11 10.44 24.03
C GLN C 54 -1.05 10.50 22.83
N MET C 55 -0.65 9.85 21.74
CA MET C 55 -1.45 9.86 20.52
C MET C 55 -1.32 8.50 19.85
N ARG C 56 -2.34 8.16 19.06
CA ARG C 56 -2.39 6.90 18.34
C ARG C 56 -2.85 7.16 16.91
N THR C 57 -2.37 6.33 16.00
CA THR C 57 -2.75 6.45 14.59
C THR C 57 -4.17 5.96 14.40
N ARG C 58 -5.09 6.88 14.14
CA ARG C 58 -6.49 6.54 13.99
C ARG C 58 -6.85 6.08 12.58
N ARG C 59 -6.01 6.42 11.59
CA ARG C 59 -6.18 5.97 10.22
C ARG C 59 -4.81 5.68 9.63
N THR C 60 -4.74 4.64 8.79
CA THR C 60 -3.58 4.41 7.94
C THR C 60 -4.07 4.44 6.50
N LEU C 61 -3.55 5.38 5.71
CA LEU C 61 -4.09 5.67 4.38
C LEU C 61 -3.20 5.01 3.33
N ARG C 62 -3.45 3.72 3.11
CA ARG C 62 -2.72 2.97 2.10
C ARG C 62 -3.25 3.28 0.71
N GLY C 63 -2.39 3.11 -0.29
CA GLY C 63 -2.79 3.33 -1.67
C GLY C 63 -1.68 3.85 -2.56
N HIS C 64 -0.67 4.50 -1.98
CA HIS C 64 0.50 4.87 -2.75
C HIS C 64 1.47 3.71 -2.82
N LEU C 65 2.18 3.62 -3.96
CA LEU C 65 3.09 2.53 -4.24
C LEU C 65 4.55 2.98 -4.24
N ALA C 66 4.83 4.21 -3.80
CA ALA C 66 6.18 4.72 -3.71
C ALA C 66 6.22 5.80 -2.64
N LYS C 67 7.32 6.55 -2.61
CA LYS C 67 7.51 7.58 -1.61
C LYS C 67 6.38 8.59 -1.65
N ILE C 68 5.84 8.93 -0.49
CA ILE C 68 4.98 10.10 -0.34
C ILE C 68 5.86 11.28 0.01
N TYR C 69 5.84 12.32 -0.82
CA TYR C 69 6.67 13.49 -0.57
C TYR C 69 5.90 14.56 0.20
N ALA C 70 4.66 14.85 -0.21
CA ALA C 70 3.92 15.98 0.34
C ALA C 70 2.46 15.61 0.53
N MET C 71 1.85 16.17 1.57
CA MET C 71 0.42 16.12 1.79
C MET C 71 -0.05 17.48 2.29
N HIS C 72 -1.33 17.75 2.13
CA HIS C 72 -1.91 18.98 2.64
C HIS C 72 -3.38 18.78 2.93
N TRP C 73 -3.81 19.28 4.08
CA TRP C 73 -5.20 19.20 4.49
C TRP C 73 -6.06 20.16 3.68
N GLY C 74 -7.36 19.87 3.65
CA GLY C 74 -8.32 20.83 3.17
C GLY C 74 -8.87 21.69 4.31
N THR C 75 -9.20 22.94 3.98
CA THR C 75 -9.74 23.84 5.00
C THR C 75 -11.04 23.31 5.58
N ASP C 76 -11.76 22.47 4.84
CA ASP C 76 -12.92 21.79 5.41
C ASP C 76 -12.52 20.81 6.51
N SER C 77 -11.22 20.57 6.70
CA SER C 77 -10.68 19.82 7.83
C SER C 77 -10.96 18.32 7.75
N ARG C 78 -11.46 17.83 6.61
CA ARG C 78 -11.74 16.40 6.50
C ARG C 78 -11.11 15.80 5.24
N LEU C 79 -11.09 16.53 4.14
CA LEU C 79 -10.38 16.04 2.96
C LEU C 79 -8.89 16.28 3.11
N LEU C 80 -8.13 15.66 2.22
CA LEU C 80 -6.69 15.54 2.37
C LEU C 80 -6.08 15.28 0.99
N VAL C 81 -4.81 15.64 0.83
CA VAL C 81 -4.10 15.45 -0.43
C VAL C 81 -2.84 14.64 -0.16
N SER C 82 -2.35 13.98 -1.19
CA SER C 82 -1.09 13.24 -1.11
C SER C 82 -0.44 13.19 -2.47
N ALA C 83 0.76 13.74 -2.58
CA ALA C 83 1.60 13.60 -3.77
C ALA C 83 2.70 12.58 -3.47
N SER C 84 2.98 11.72 -4.44
CA SER C 84 3.91 10.62 -4.23
C SER C 84 4.69 10.33 -5.51
N GLN C 85 5.80 9.61 -5.34
CA GLN C 85 6.62 9.19 -6.46
C GLN C 85 5.89 8.24 -7.40
N ASP C 86 4.77 7.67 -6.95
CA ASP C 86 4.05 6.68 -7.74
C ASP C 86 3.38 7.28 -8.98
N GLY C 87 3.42 8.60 -9.15
CA GLY C 87 2.79 9.25 -10.27
C GLY C 87 1.33 9.60 -10.06
N LYS C 88 0.76 9.29 -8.90
CA LYS C 88 -0.62 9.62 -8.57
C LYS C 88 -0.67 10.66 -7.47
N LEU C 89 -1.43 11.72 -7.71
CA LEU C 89 -1.85 12.67 -6.68
C LEU C 89 -3.29 12.33 -6.31
N ILE C 90 -3.49 11.78 -5.12
CA ILE C 90 -4.79 11.28 -4.70
C ILE C 90 -5.21 12.01 -3.45
N ILE C 91 -6.52 12.22 -3.31
CA ILE C 91 -7.07 12.99 -2.20
C ILE C 91 -8.10 12.14 -1.47
N TRP C 92 -8.09 12.23 -0.15
CA TRP C 92 -8.74 11.26 0.73
C TRP C 92 -9.92 11.90 1.46
N ASP C 93 -10.85 11.06 1.89
CA ASP C 93 -11.80 11.42 2.95
C ASP C 93 -11.24 10.83 4.24
N SER C 94 -10.60 11.68 5.05
CA SER C 94 -9.83 11.19 6.19
C SER C 94 -10.69 10.48 7.23
N TYR C 95 -11.98 10.83 7.31
CA TYR C 95 -12.86 10.14 8.26
C TYR C 95 -13.07 8.68 7.91
N THR C 96 -13.18 8.36 6.62
CA THR C 96 -13.55 7.02 6.18
C THR C 96 -12.44 6.26 5.46
N THR C 97 -11.32 6.91 5.14
CA THR C 97 -10.23 6.34 4.36
C THR C 97 -10.59 6.23 2.88
N ASN C 98 -11.79 6.64 2.48
CA ASN C 98 -12.20 6.56 1.08
C ASN C 98 -11.35 7.50 0.23
N LYS C 99 -10.92 7.02 -0.93
CA LYS C 99 -10.16 7.85 -1.88
C LYS C 99 -11.17 8.49 -2.83
N VAL C 100 -11.44 9.78 -2.62
CA VAL C 100 -12.49 10.44 -3.38
C VAL C 100 -12.04 10.87 -4.77
N HIS C 101 -10.74 11.06 -4.98
CA HIS C 101 -10.18 11.19 -6.32
C HIS C 101 -8.80 10.56 -6.36
N ALA C 102 -8.37 10.18 -7.56
CA ALA C 102 -6.99 9.82 -7.83
C ALA C 102 -6.59 10.50 -9.13
N ILE C 103 -5.49 11.26 -9.10
CA ILE C 103 -5.12 12.16 -10.18
C ILE C 103 -3.77 11.71 -10.72
N PRO C 104 -3.64 11.39 -12.01
CA PRO C 104 -2.34 11.05 -12.57
C PRO C 104 -1.56 12.30 -12.95
N LEU C 105 -0.32 12.38 -12.49
CA LEU C 105 0.55 13.49 -12.85
C LEU C 105 1.08 13.32 -14.27
N ARG C 106 1.43 14.46 -14.88
CA ARG C 106 2.12 14.43 -16.17
C ARG C 106 3.59 14.07 -16.01
N SER C 107 4.15 14.33 -14.82
CA SER C 107 5.48 13.87 -14.45
C SER C 107 5.44 13.40 -13.00
N SER C 108 6.14 12.31 -12.71
CA SER C 108 6.00 11.62 -11.43
C SER C 108 7.01 12.08 -10.38
N TRP C 109 7.72 13.18 -10.62
CA TRP C 109 8.80 13.62 -9.73
C TRP C 109 8.34 14.74 -8.79
N VAL C 110 7.10 14.67 -8.31
CA VAL C 110 6.46 15.80 -7.64
C VAL C 110 6.90 15.84 -6.19
N MET C 111 7.40 17.01 -5.77
CA MET C 111 7.89 17.21 -4.40
C MET C 111 6.87 17.89 -3.50
N THR C 112 5.88 18.58 -4.06
CA THR C 112 4.98 19.42 -3.28
C THR C 112 3.57 19.37 -3.85
N CYS C 113 2.60 19.66 -2.99
CA CYS C 113 1.20 19.77 -3.38
C CYS C 113 0.48 20.61 -2.33
N ALA C 114 -0.66 21.17 -2.74
CA ALA C 114 -1.46 22.00 -1.84
C ALA C 114 -2.92 21.95 -2.24
N TYR C 115 -3.79 21.93 -1.24
CA TYR C 115 -5.24 22.01 -1.44
C TYR C 115 -5.67 23.47 -1.31
N ALA C 116 -6.46 23.94 -2.27
CA ALA C 116 -6.90 25.33 -2.24
C ALA C 116 -7.75 25.59 -1.00
N PRO C 117 -7.74 26.82 -0.48
CA PRO C 117 -8.54 27.12 0.71
C PRO C 117 -10.03 26.91 0.50
N SER C 118 -10.50 26.92 -0.75
CA SER C 118 -11.91 26.64 -1.04
C SER C 118 -12.17 25.17 -1.32
N GLY C 119 -11.15 24.43 -1.75
CA GLY C 119 -11.32 23.06 -2.17
C GLY C 119 -11.61 22.89 -3.65
N ASN C 120 -11.78 24.00 -4.38
CA ASN C 120 -12.06 23.91 -5.82
C ASN C 120 -10.85 23.46 -6.62
N TYR C 121 -9.64 23.66 -6.10
CA TYR C 121 -8.42 23.38 -6.84
C TYR C 121 -7.42 22.67 -5.95
N VAL C 122 -6.48 21.98 -6.60
CA VAL C 122 -5.33 21.38 -5.92
C VAL C 122 -4.12 21.55 -6.83
N ALA C 123 -2.98 21.88 -6.21
CA ALA C 123 -1.76 22.20 -6.94
C ALA C 123 -0.69 21.16 -6.64
N CYS C 124 0.30 21.06 -7.53
CA CYS C 124 1.35 20.08 -7.40
C CYS C 124 2.49 20.41 -8.36
N GLY C 125 3.70 19.98 -8.01
CA GLY C 125 4.85 20.22 -8.85
C GLY C 125 6.09 19.59 -8.26
N GLY C 126 7.19 19.67 -9.02
CA GLY C 126 8.45 19.10 -8.58
C GLY C 126 9.61 19.33 -9.53
N LEU C 127 10.40 18.28 -9.77
CA LEU C 127 11.62 18.39 -10.58
C LEU C 127 11.35 18.76 -12.03
N ASP C 128 10.09 18.89 -12.44
CA ASP C 128 9.77 19.33 -13.80
C ASP C 128 9.75 20.84 -13.95
N ASN C 129 10.05 21.59 -12.89
CA ASN C 129 10.11 23.05 -12.94
C ASN C 129 8.77 23.65 -13.32
N ILE C 130 7.66 23.02 -12.91
CA ILE C 130 6.32 23.49 -13.22
C ILE C 130 5.43 23.24 -12.01
N CYS C 131 4.48 24.16 -11.80
CA CYS C 131 3.41 23.96 -10.84
C CYS C 131 2.11 23.72 -11.62
N SER C 132 1.47 22.60 -11.36
CA SER C 132 0.26 22.21 -12.08
C SER C 132 -0.96 22.44 -11.19
N ILE C 133 -1.95 23.14 -11.71
CA ILE C 133 -3.18 23.45 -10.99
C ILE C 133 -4.27 22.56 -11.56
N TYR C 134 -4.88 21.76 -10.69
CA TYR C 134 -5.90 20.79 -11.09
C TYR C 134 -7.28 21.28 -10.64
N ASN C 135 -8.20 21.37 -11.59
CA ASN C 135 -9.58 21.77 -11.30
C ASN C 135 -10.38 20.55 -10.88
N LEU C 136 -10.77 20.50 -9.61
CA LEU C 136 -11.48 19.34 -9.08
C LEU C 136 -12.98 19.41 -9.34
N LYS C 137 -13.58 20.58 -9.22
CA LYS C 137 -15.03 20.74 -9.34
C LYS C 137 -15.44 20.94 -10.79
N THR C 138 -15.13 19.95 -11.63
CA THR C 138 -15.31 20.09 -13.07
C THR C 138 -16.72 19.67 -13.47
N ARG C 139 -17.25 20.37 -14.49
CA ARG C 139 -18.58 20.04 -15.01
C ARG C 139 -18.62 18.63 -15.61
N GLU C 140 -17.57 18.25 -16.34
CA GLU C 140 -17.47 16.92 -16.94
C GLU C 140 -17.29 15.81 -15.90
N GLY C 141 -17.04 16.15 -14.63
CA GLY C 141 -16.97 15.18 -13.56
C GLY C 141 -15.58 14.64 -13.27
N ASN C 142 -14.65 14.73 -14.21
CA ASN C 142 -13.29 14.29 -13.98
C ASN C 142 -12.45 15.44 -13.42
N VAL C 143 -11.16 15.18 -13.20
CA VAL C 143 -10.22 16.17 -12.73
C VAL C 143 -9.33 16.57 -13.90
N ARG C 144 -9.25 17.87 -14.16
CA ARG C 144 -8.53 18.39 -15.31
C ARG C 144 -7.40 19.30 -14.85
N VAL C 145 -6.28 19.24 -15.57
CA VAL C 145 -5.22 20.23 -15.40
C VAL C 145 -5.69 21.54 -16.02
N SER C 146 -5.80 22.58 -15.20
CA SER C 146 -6.36 23.85 -15.65
C SER C 146 -5.29 24.79 -16.19
N ARG C 147 -4.11 24.81 -15.58
CA ARG C 147 -2.99 25.57 -16.11
C ARG C 147 -1.67 25.01 -15.60
N GLU C 148 -0.66 25.12 -16.45
CA GLU C 148 0.71 24.77 -16.09
C GLU C 148 1.48 26.06 -15.86
N LEU C 149 1.94 26.27 -14.63
CA LEU C 149 2.65 27.49 -14.26
C LEU C 149 4.14 27.26 -14.47
N ALA C 150 4.62 27.63 -15.65
CA ALA C 150 6.00 27.44 -16.04
C ALA C 150 6.75 28.76 -15.91
N GLY C 151 8.05 28.67 -15.62
CA GLY C 151 8.87 29.86 -15.53
C GLY C 151 9.98 29.79 -14.50
N HIS C 152 9.86 28.92 -13.50
CA HIS C 152 10.96 28.67 -12.59
C HIS C 152 12.09 27.94 -13.32
N THR C 153 13.32 28.22 -12.92
CA THR C 153 14.49 27.57 -13.48
C THR C 153 15.01 26.44 -12.59
N GLY C 154 14.26 26.07 -11.56
CA GLY C 154 14.66 24.98 -10.68
C GLY C 154 13.44 24.25 -10.16
N TYR C 155 13.70 23.11 -9.52
CA TYR C 155 12.62 22.26 -9.03
C TYR C 155 11.72 23.03 -8.07
N LEU C 156 10.42 22.75 -8.15
CA LEU C 156 9.42 23.43 -7.33
C LEU C 156 9.42 22.80 -5.95
N SER C 157 10.03 23.49 -4.98
CA SER C 157 10.18 22.92 -3.65
C SER C 157 8.90 22.99 -2.82
N CYS C 158 8.09 24.02 -3.04
CA CYS C 158 6.89 24.20 -2.23
C CYS C 158 5.92 25.12 -2.94
N CYS C 159 4.67 25.10 -2.50
CA CYS C 159 3.63 25.97 -3.04
C CYS C 159 2.45 26.02 -2.07
N ARG C 160 1.75 27.15 -2.08
CA ARG C 160 0.57 27.36 -1.26
C ARG C 160 -0.37 28.34 -1.96
N PHE C 161 -1.66 28.18 -1.71
CA PHE C 161 -2.67 29.06 -2.27
C PHE C 161 -2.96 30.23 -1.34
N LEU C 162 -3.03 31.43 -1.94
CA LEU C 162 -3.64 32.59 -1.32
C LEU C 162 -5.15 32.55 -1.51
N ASP C 163 -5.59 32.36 -2.75
CA ASP C 163 -6.99 32.20 -3.08
C ASP C 163 -7.04 31.45 -4.41
N ASP C 164 -8.27 31.17 -4.87
CA ASP C 164 -8.43 30.31 -6.04
C ASP C 164 -7.71 30.84 -7.27
N ASN C 165 -7.28 32.11 -7.27
CA ASN C 165 -6.58 32.69 -8.41
C ASN C 165 -5.14 33.08 -8.13
N GLN C 166 -4.74 33.17 -6.86
CA GLN C 166 -3.38 33.56 -6.49
C GLN C 166 -2.72 32.40 -5.77
N ILE C 167 -1.55 31.98 -6.25
CA ILE C 167 -0.74 30.94 -5.63
C ILE C 167 0.70 31.41 -5.57
N VAL C 168 1.36 31.16 -4.44
CA VAL C 168 2.75 31.53 -4.23
C VAL C 168 3.58 30.26 -4.12
N THR C 169 4.79 30.29 -4.67
CA THR C 169 5.61 29.10 -4.83
C THR C 169 7.03 29.37 -4.38
N SER C 170 7.71 28.30 -3.97
CA SER C 170 9.13 28.34 -3.61
C SER C 170 9.88 27.38 -4.54
N SER C 171 11.01 27.83 -5.05
CA SER C 171 11.73 27.11 -6.10
C SER C 171 13.15 26.78 -5.66
N GLY C 172 13.72 25.78 -6.31
CA GLY C 172 15.09 25.37 -6.05
C GLY C 172 16.11 26.25 -6.74
N ASP C 173 15.66 27.34 -7.35
CA ASP C 173 16.54 28.32 -7.96
C ASP C 173 16.70 29.58 -7.12
N THR C 174 16.39 29.51 -5.83
CA THR C 174 16.62 30.58 -4.87
C THR C 174 15.60 31.71 -4.97
N THR C 175 14.44 31.47 -5.56
CA THR C 175 13.39 32.48 -5.66
C THR C 175 12.04 31.90 -5.26
N CYS C 176 11.24 32.72 -4.61
CA CYS C 176 9.81 32.50 -4.51
C CYS C 176 9.11 33.36 -5.56
N ALA C 177 7.89 32.96 -5.93
CA ALA C 177 7.14 33.70 -6.93
C ALA C 177 5.66 33.58 -6.63
N LEU C 178 4.92 34.65 -6.93
CA LEU C 178 3.48 34.71 -6.75
C LEU C 178 2.82 34.82 -8.12
N TRP C 179 1.90 33.91 -8.41
CA TRP C 179 1.37 33.70 -9.76
C TRP C 179 -0.06 34.20 -9.86
N ASP C 180 -0.39 34.74 -11.04
CA ASP C 180 -1.77 34.95 -11.44
C ASP C 180 -2.22 33.72 -12.23
N ILE C 181 -3.08 32.90 -11.64
CA ILE C 181 -3.45 31.65 -12.27
C ILE C 181 -4.27 31.90 -13.53
N GLU C 182 -5.06 32.98 -13.55
CA GLU C 182 -5.87 33.27 -14.72
C GLU C 182 -5.01 33.46 -15.97
N THR C 183 -3.95 34.27 -15.85
CA THR C 183 -3.03 34.49 -16.98
C THR C 183 -1.89 33.49 -16.99
N GLY C 184 -1.57 32.89 -15.85
CA GLY C 184 -0.43 31.99 -15.77
C GLY C 184 0.91 32.67 -15.79
N GLN C 185 1.02 33.82 -15.13
CA GLN C 185 2.24 34.63 -15.14
C GLN C 185 2.60 35.02 -13.71
N GLN C 186 3.90 35.22 -13.49
CA GLN C 186 4.40 35.65 -12.19
C GLN C 186 4.02 37.11 -11.96
N THR C 187 3.12 37.35 -11.00
CA THR C 187 2.77 38.72 -10.65
C THR C 187 3.87 39.39 -9.82
N THR C 188 4.68 38.60 -9.13
CA THR C 188 5.77 39.13 -8.32
C THR C 188 6.74 38.00 -8.03
N THR C 189 8.01 38.19 -8.39
CA THR C 189 9.07 37.25 -8.06
C THR C 189 9.87 37.79 -6.89
N PHE C 190 10.18 36.91 -5.94
CA PHE C 190 10.88 37.30 -4.71
C PHE C 190 12.31 36.80 -4.77
N THR C 191 13.18 37.61 -5.38
CA THR C 191 14.60 37.29 -5.41
C THR C 191 15.27 37.80 -4.14
N GLY C 192 16.30 37.09 -3.68
CA GLY C 192 17.03 37.52 -2.51
C GLY C 192 17.59 36.44 -1.60
N HIS C 193 17.21 35.18 -1.82
CA HIS C 193 17.93 34.09 -1.18
C HIS C 193 19.20 33.78 -1.96
N THR C 194 20.28 33.52 -1.22
CA THR C 194 21.55 33.16 -1.83
C THR C 194 21.61 31.67 -2.16
N GLY C 195 21.08 30.83 -1.27
CA GLY C 195 20.85 29.43 -1.59
C GLY C 195 19.46 29.22 -2.16
N ASP C 196 19.14 27.96 -2.43
CA ASP C 196 17.86 27.62 -3.02
C ASP C 196 16.82 27.37 -1.93
N VAL C 197 15.57 27.69 -2.25
CA VAL C 197 14.48 27.70 -1.28
C VAL C 197 13.96 26.29 -1.08
N MET C 198 13.46 26.00 0.13
CA MET C 198 13.02 24.66 0.48
C MET C 198 11.55 24.60 0.87
N SER C 199 11.11 25.47 1.78
CA SER C 199 9.76 25.38 2.31
C SER C 199 9.18 26.77 2.46
N LEU C 200 7.86 26.82 2.55
CA LEU C 200 7.13 28.07 2.46
C LEU C 200 5.77 27.92 3.11
N SER C 201 5.26 29.01 3.67
CA SER C 201 3.93 29.01 4.29
C SER C 201 3.42 30.44 4.28
N LEU C 202 2.19 30.63 4.78
CA LEU C 202 1.51 31.92 4.72
C LEU C 202 1.07 32.37 6.11
N ALA C 203 1.14 33.68 6.33
CA ALA C 203 0.59 34.24 7.55
C ALA C 203 -0.92 34.01 7.59
N PRO C 204 -1.49 33.73 8.77
CA PRO C 204 -2.95 33.53 8.83
C PRO C 204 -3.74 34.68 8.26
N ASP C 205 -3.27 35.92 8.43
CA ASP C 205 -3.90 37.08 7.82
C ASP C 205 -3.54 37.21 6.34
N THR C 206 -2.60 36.42 5.84
CA THR C 206 -2.37 36.16 4.41
C THR C 206 -1.65 37.31 3.70
N ARG C 207 -1.29 38.39 4.40
CA ARG C 207 -0.69 39.54 3.73
C ARG C 207 0.82 39.40 3.55
N LEU C 208 1.45 38.42 4.18
CA LEU C 208 2.90 38.29 4.11
C LEU C 208 3.29 36.85 4.42
N PHE C 209 4.45 36.44 3.93
CA PHE C 209 4.88 35.05 4.04
C PHE C 209 6.38 34.98 4.24
N VAL C 210 6.85 33.82 4.76
CA VAL C 210 8.27 33.57 5.01
C VAL C 210 8.70 32.40 4.15
N SER C 211 10.01 32.33 3.87
CA SER C 211 10.58 31.28 3.05
C SER C 211 11.93 30.87 3.62
N GLY C 212 12.15 29.55 3.69
CA GLY C 212 13.39 28.98 4.15
C GLY C 212 14.23 28.51 2.98
N ALA C 213 15.55 28.57 3.13
CA ALA C 213 16.46 28.26 2.05
C ALA C 213 17.64 27.47 2.58
N CYS C 214 18.45 26.95 1.64
CA CYS C 214 19.57 26.11 2.00
C CYS C 214 20.78 26.90 2.48
N ASP C 215 20.75 28.22 2.32
CA ASP C 215 21.76 29.08 2.94
C ASP C 215 21.49 29.32 4.42
N ALA C 216 20.57 28.56 5.02
CA ALA C 216 20.29 28.59 6.45
C ALA C 216 19.67 29.91 6.90
N SER C 217 19.08 30.66 5.99
CA SER C 217 18.42 31.92 6.32
C SER C 217 16.94 31.85 5.94
N ALA C 218 16.08 32.21 6.88
CA ALA C 218 14.66 32.38 6.64
C ALA C 218 14.32 33.86 6.69
N LYS C 219 13.41 34.29 5.83
CA LYS C 219 13.14 35.71 5.70
C LYS C 219 11.69 35.94 5.29
N LEU C 220 11.20 37.14 5.59
CA LEU C 220 9.79 37.50 5.50
C LEU C 220 9.56 38.37 4.28
N TRP C 221 8.55 38.03 3.49
CA TRP C 221 8.17 38.81 2.31
C TRP C 221 6.73 39.31 2.48
N ASP C 222 6.47 40.51 1.98
CA ASP C 222 5.10 40.96 1.81
C ASP C 222 4.61 40.62 0.39
N VAL C 223 3.40 40.08 0.31
CA VAL C 223 2.92 39.55 -0.96
C VAL C 223 2.67 40.69 -1.96
N ARG C 224 2.28 41.86 -1.48
CA ARG C 224 1.89 42.94 -2.39
C ARG C 224 3.11 43.57 -3.06
N GLU C 225 4.01 44.16 -2.27
CA GLU C 225 5.14 44.87 -2.85
C GLU C 225 6.26 43.93 -3.27
N GLY C 226 6.50 42.87 -2.51
CA GLY C 226 7.58 41.94 -2.80
C GLY C 226 8.88 42.21 -2.09
N MET C 227 8.91 43.17 -1.16
CA MET C 227 10.12 43.49 -0.43
C MET C 227 10.27 42.58 0.78
N CYS C 228 11.51 42.23 1.09
CA CYS C 228 11.79 41.46 2.30
C CYS C 228 11.79 42.38 3.51
N ARG C 229 11.01 42.01 4.53
CA ARG C 229 10.90 42.84 5.73
C ARG C 229 11.97 42.52 6.76
N GLN C 230 12.35 41.25 6.89
CA GLN C 230 13.37 40.85 7.85
C GLN C 230 13.96 39.52 7.41
N THR C 231 15.17 39.24 7.90
CA THR C 231 15.88 38.01 7.60
C THR C 231 16.38 37.40 8.90
N PHE C 232 16.35 36.08 8.97
CA PHE C 232 16.65 35.34 10.19
C PHE C 232 17.68 34.27 9.88
N THR C 233 18.77 34.25 10.64
CA THR C 233 19.96 33.45 10.26
C THR C 233 20.55 32.70 11.44
N GLY C 234 19.72 32.12 12.32
CA GLY C 234 20.23 31.44 13.50
C GLY C 234 20.63 29.99 13.28
N HIS C 235 20.44 29.45 12.07
CA HIS C 235 20.66 28.03 11.84
C HIS C 235 22.11 27.75 11.44
N GLU C 236 22.51 26.50 11.64
CA GLU C 236 23.84 26.03 11.24
C GLU C 236 23.82 25.18 9.98
N SER C 237 22.66 24.96 9.37
CA SER C 237 22.57 24.18 8.15
C SER C 237 21.28 24.54 7.43
N ASP C 238 21.10 23.93 6.25
CA ASP C 238 19.96 24.24 5.40
C ASP C 238 18.64 24.07 6.15
N ILE C 239 17.68 24.93 5.83
CA ILE C 239 16.37 24.92 6.46
C ILE C 239 15.42 24.14 5.54
N ASN C 240 14.86 23.04 6.05
CA ASN C 240 14.01 22.19 5.23
C ASN C 240 12.53 22.55 5.33
N ALA C 241 12.08 23.06 6.47
CA ALA C 241 10.66 23.26 6.72
C ALA C 241 10.43 24.58 7.42
N ILE C 242 9.30 25.21 7.11
CA ILE C 242 8.90 26.50 7.69
C ILE C 242 7.43 26.40 8.08
N CYS C 243 7.02 27.18 9.09
CA CYS C 243 5.63 27.20 9.52
C CYS C 243 5.37 28.45 10.35
N PHE C 244 4.42 29.29 9.91
CA PHE C 244 3.93 30.37 10.75
C PHE C 244 3.22 29.89 12.01
N PHE C 245 3.41 30.67 13.07
CA PHE C 245 2.70 30.47 14.32
C PHE C 245 1.24 30.90 14.17
N PRO C 246 0.31 30.23 14.86
CA PRO C 246 -1.11 30.46 14.60
C PRO C 246 -1.59 31.91 14.67
N ASN C 247 -0.79 32.84 15.21
CA ASN C 247 -1.20 34.24 15.30
C ASN C 247 -0.43 35.15 14.36
N GLY C 248 0.48 34.63 13.55
CA GLY C 248 1.18 35.42 12.57
C GLY C 248 2.31 36.28 13.10
N ASN C 249 2.57 36.24 14.41
CA ASN C 249 3.64 37.03 14.99
C ASN C 249 4.95 36.26 15.13
N ALA C 250 4.95 34.96 14.83
CA ALA C 250 6.14 34.13 14.96
C ALA C 250 6.06 33.01 13.94
N PHE C 251 7.22 32.38 13.70
CA PHE C 251 7.28 31.22 12.82
C PHE C 251 8.39 30.29 13.30
N ALA C 252 8.25 29.02 12.97
CA ALA C 252 9.19 27.99 13.36
C ALA C 252 9.84 27.38 12.13
N THR C 253 11.05 26.88 12.30
CA THR C 253 11.87 26.40 11.19
C THR C 253 12.42 25.02 11.50
N GLY C 254 12.59 24.20 10.46
CA GLY C 254 13.24 22.91 10.59
C GLY C 254 14.43 22.83 9.65
N SER C 255 15.48 22.15 10.09
CA SER C 255 16.76 22.23 9.40
C SER C 255 17.50 20.91 9.48
N ASP C 256 18.47 20.76 8.57
CA ASP C 256 19.35 19.60 8.59
C ASP C 256 20.25 19.58 9.81
N ASP C 257 20.41 20.70 10.51
CA ASP C 257 21.21 20.75 11.73
C ASP C 257 20.52 20.08 12.92
N ALA C 258 19.38 19.41 12.69
CA ALA C 258 18.67 18.62 13.67
C ALA C 258 17.99 19.45 14.76
N THR C 259 17.84 20.76 14.53
CA THR C 259 17.16 21.64 15.47
C THR C 259 16.00 22.34 14.78
N CYS C 260 14.93 22.57 15.53
CA CYS C 260 13.90 23.52 15.12
C CYS C 260 14.11 24.82 15.88
N ARG C 261 13.85 25.94 15.20
CA ARG C 261 14.05 27.25 15.80
C ARG C 261 12.81 28.11 15.62
N LEU C 262 12.52 28.90 16.64
CA LEU C 262 11.36 29.79 16.66
C LEU C 262 11.82 31.23 16.54
N PHE C 263 11.15 32.00 15.68
CA PHE C 263 11.47 33.40 15.45
C PHE C 263 10.19 34.21 15.58
N ASP C 264 10.31 35.44 16.08
CA ASP C 264 9.19 36.37 16.17
C ASP C 264 9.50 37.59 15.31
N LEU C 265 8.46 38.10 14.64
CA LEU C 265 8.68 39.08 13.59
C LEU C 265 8.87 40.50 14.13
N ARG C 266 8.24 40.85 15.27
CA ARG C 266 8.55 42.11 15.91
C ARG C 266 9.81 42.04 16.77
N ALA C 267 10.17 40.85 17.26
CA ALA C 267 11.47 40.69 17.90
C ALA C 267 12.60 40.69 16.88
N ASP C 268 12.35 40.14 15.69
CA ASP C 268 13.33 40.07 14.61
C ASP C 268 14.52 39.18 14.96
N GLN C 269 14.34 38.21 15.86
CA GLN C 269 15.44 37.37 16.29
C GLN C 269 14.90 36.07 16.87
N GLU C 270 15.80 35.10 17.00
CA GLU C 270 15.46 33.77 17.49
C GLU C 270 14.95 33.82 18.92
N LEU C 271 13.77 33.24 19.17
CA LEU C 271 13.26 33.17 20.54
C LEU C 271 13.62 31.85 21.21
N MET C 272 13.74 30.77 20.45
CA MET C 272 14.11 29.48 21.03
C MET C 272 14.65 28.55 19.96
N THR C 273 15.48 27.60 20.41
CA THR C 273 15.98 26.51 19.59
C THR C 273 15.54 25.20 20.22
N TYR C 274 15.00 24.29 19.40
CA TYR C 274 14.49 23.01 19.89
C TYR C 274 15.51 21.93 19.59
N SER C 275 16.05 21.30 20.64
CA SER C 275 17.09 20.31 20.49
C SER C 275 17.00 19.29 21.61
N HIS C 276 17.53 18.10 21.35
CA HIS C 276 17.87 17.15 22.40
C HIS C 276 19.04 16.33 21.88
N ASP C 277 19.98 16.00 22.77
CA ASP C 277 21.29 15.54 22.30
C ASP C 277 21.21 14.22 21.53
N ASN C 278 20.14 13.43 21.72
CA ASN C 278 20.06 12.17 20.98
C ASN C 278 19.76 12.36 19.50
N ILE C 279 19.01 13.39 19.13
CA ILE C 279 18.57 13.57 17.75
C ILE C 279 19.70 14.20 16.96
N ILE C 280 20.16 13.50 15.92
CA ILE C 280 21.32 13.93 15.13
C ILE C 280 20.98 13.88 13.65
N CYS C 281 19.70 13.98 13.32
CA CYS C 281 19.23 13.96 11.95
C CYS C 281 18.32 15.16 11.69
N GLY C 282 18.22 15.53 10.41
CA GLY C 282 17.51 16.74 10.06
C GLY C 282 16.01 16.60 10.15
N ILE C 283 15.35 17.74 10.26
CA ILE C 283 13.89 17.81 10.21
C ILE C 283 13.45 17.99 8.76
N THR C 284 12.44 17.24 8.34
CA THR C 284 11.92 17.36 6.98
C THR C 284 10.64 18.16 6.90
N SER C 285 9.89 18.24 8.01
CA SER C 285 8.62 18.94 8.02
C SER C 285 8.30 19.38 9.45
N VAL C 286 7.38 20.34 9.58
CA VAL C 286 7.06 20.92 10.87
C VAL C 286 5.69 21.58 10.79
N SER C 287 5.01 21.64 11.94
CA SER C 287 3.74 22.36 12.05
C SER C 287 3.42 22.57 13.51
N PHE C 288 2.44 23.45 13.76
CA PHE C 288 1.95 23.75 15.10
C PHE C 288 0.58 23.11 15.32
N SER C 289 0.20 22.98 16.60
CA SER C 289 -1.18 22.71 16.95
C SER C 289 -1.99 24.01 16.88
N LYS C 290 -3.31 23.88 17.02
CA LYS C 290 -4.18 25.03 16.78
C LYS C 290 -3.90 26.19 17.72
N SER C 291 -3.54 25.90 18.97
CA SER C 291 -3.21 26.95 19.92
C SER C 291 -1.78 27.46 19.78
N GLY C 292 -0.94 26.75 19.02
CA GLY C 292 0.47 27.08 18.94
C GLY C 292 1.32 26.55 20.07
N ARG C 293 0.72 25.85 21.03
CA ARG C 293 1.48 25.34 22.16
C ARG C 293 2.42 24.21 21.75
N LEU C 294 1.99 23.34 20.84
CA LEU C 294 2.82 22.25 20.36
C LEU C 294 3.45 22.63 19.02
N LEU C 295 4.75 22.36 18.88
CA LEU C 295 5.41 22.36 17.60
C LEU C 295 5.72 20.91 17.23
N LEU C 296 5.01 20.40 16.23
CA LEU C 296 5.16 19.02 15.80
C LEU C 296 6.19 18.96 14.68
N ALA C 297 7.28 18.24 14.91
CA ALA C 297 8.41 18.18 13.99
C ALA C 297 8.58 16.78 13.46
N GLY C 298 8.77 16.66 12.15
CA GLY C 298 9.00 15.37 11.51
C GLY C 298 10.46 15.16 11.16
N TYR C 299 11.05 14.09 11.68
CA TYR C 299 12.48 13.84 11.56
C TYR C 299 12.78 12.71 10.60
N ASP C 300 14.05 12.65 10.19
CA ASP C 300 14.48 11.60 9.27
C ASP C 300 14.61 10.24 9.97
N ASP C 301 14.82 10.23 11.28
CA ASP C 301 14.89 8.96 11.99
C ASP C 301 13.51 8.39 12.33
N PHE C 302 12.62 8.40 11.34
CA PHE C 302 11.44 7.56 11.24
C PHE C 302 10.37 7.91 12.27
N ASN C 303 10.38 9.13 12.83
CA ASN C 303 9.37 9.50 13.81
C ASN C 303 9.22 11.01 13.85
N CYS C 304 8.12 11.45 14.46
CA CYS C 304 7.90 12.85 14.78
C CYS C 304 7.99 13.06 16.29
N ASN C 305 8.48 14.22 16.68
CA ASN C 305 8.49 14.63 18.07
C ASN C 305 7.69 15.91 18.22
N VAL C 306 6.93 15.99 19.30
CA VAL C 306 6.07 17.14 19.58
C VAL C 306 6.72 17.96 20.69
N TRP C 307 7.01 19.22 20.39
CA TRP C 307 7.77 20.11 21.25
C TRP C 307 6.81 21.06 21.95
N ASP C 308 6.93 21.17 23.27
CA ASP C 308 6.22 22.21 24.01
C ASP C 308 6.85 23.53 23.65
N ALA C 309 6.23 24.27 22.72
CA ALA C 309 6.89 25.40 22.08
C ALA C 309 7.32 26.46 23.08
N LEU C 310 6.55 26.67 24.15
CA LEU C 310 6.92 27.64 25.16
C LEU C 310 8.00 27.13 26.11
N LYS C 311 8.36 25.85 26.03
CA LYS C 311 9.27 25.22 26.98
C LYS C 311 10.44 24.51 26.32
N ALA C 312 10.31 24.08 25.07
CA ALA C 312 11.28 23.22 24.41
C ALA C 312 11.40 21.88 25.13
N ASP C 313 10.47 21.59 26.04
CA ASP C 313 10.38 20.26 26.62
C ASP C 313 9.68 19.32 25.64
N ARG C 314 10.35 18.24 25.29
CA ARG C 314 9.77 17.29 24.34
C ARG C 314 8.66 16.52 25.05
N ALA C 315 7.42 16.70 24.59
CA ALA C 315 6.26 16.20 25.30
C ALA C 315 5.79 14.83 24.80
N GLY C 316 6.25 14.38 23.65
CA GLY C 316 5.83 13.09 23.14
C GLY C 316 6.48 12.79 21.82
N VAL C 317 6.23 11.57 21.34
CA VAL C 317 6.83 11.08 20.10
C VAL C 317 5.77 10.31 19.31
N LEU C 318 5.67 10.62 18.02
CA LEU C 318 4.80 9.91 17.09
C LEU C 318 5.62 8.94 16.26
N ALA C 319 6.00 7.82 16.86
CA ALA C 319 6.69 6.76 16.13
C ALA C 319 5.67 5.88 15.42
N GLY C 320 6.10 5.16 14.38
CA GLY C 320 5.18 4.32 13.65
C GLY C 320 5.41 4.20 12.16
N HIS C 321 6.44 4.85 11.62
CA HIS C 321 6.73 4.78 10.19
C HIS C 321 7.97 3.94 9.94
N ASP C 322 7.96 3.24 8.80
CA ASP C 322 9.08 2.42 8.37
C ASP C 322 10.05 3.17 7.48
N ASN C 323 9.79 4.44 7.18
CA ASN C 323 10.70 5.25 6.39
C ASN C 323 10.56 6.70 6.81
N ARG C 324 11.49 7.53 6.33
CA ARG C 324 11.49 8.96 6.63
C ARG C 324 10.09 9.54 6.55
N VAL C 325 9.65 10.22 7.62
CA VAL C 325 8.39 10.93 7.58
C VAL C 325 8.63 12.22 6.78
N SER C 326 7.97 12.33 5.62
CA SER C 326 8.33 13.32 4.62
C SER C 326 7.51 14.60 4.69
N CYS C 327 6.34 14.56 5.34
CA CYS C 327 5.48 15.73 5.40
C CYS C 327 4.55 15.59 6.59
N LEU C 328 3.99 16.71 7.01
CA LEU C 328 3.24 16.79 8.27
C LEU C 328 2.27 17.95 8.20
N GLY C 329 1.07 17.74 8.70
CA GLY C 329 0.06 18.80 8.72
C GLY C 329 -0.97 18.55 9.80
N VAL C 330 -1.52 19.64 10.34
CA VAL C 330 -2.55 19.60 11.36
C VAL C 330 -3.83 20.17 10.78
N THR C 331 -4.96 19.54 11.11
CA THR C 331 -6.24 20.00 10.59
C THR C 331 -6.55 21.40 11.10
N ASP C 332 -7.30 22.15 10.28
CA ASP C 332 -7.65 23.52 10.65
C ASP C 332 -8.60 23.58 11.84
N ASP C 333 -9.35 22.50 12.11
CA ASP C 333 -10.10 22.42 13.34
C ASP C 333 -9.25 21.98 14.53
N GLY C 334 -7.99 21.61 14.29
CA GLY C 334 -7.09 21.21 15.35
C GLY C 334 -7.29 19.81 15.86
N MET C 335 -8.12 19.00 15.21
CA MET C 335 -8.47 17.70 15.75
C MET C 335 -7.34 16.69 15.59
N ALA C 336 -6.61 16.71 14.47
CA ALA C 336 -5.69 15.62 14.16
C ALA C 336 -4.50 16.14 13.37
N VAL C 337 -3.44 15.32 13.37
CA VAL C 337 -2.23 15.57 12.58
C VAL C 337 -2.05 14.40 11.64
N ALA C 338 -1.73 14.70 10.38
CA ALA C 338 -1.44 13.68 9.37
C ALA C 338 0.04 13.69 9.05
N THR C 339 0.65 12.51 9.03
CA THR C 339 2.08 12.35 8.77
C THR C 339 2.26 11.46 7.55
N GLY C 340 2.92 11.99 6.52
CA GLY C 340 3.29 11.21 5.36
C GLY C 340 4.75 10.81 5.43
N SER C 341 5.08 9.70 4.76
CA SER C 341 6.42 9.14 4.89
C SER C 341 6.84 8.48 3.59
N TRP C 342 8.15 8.30 3.46
CA TRP C 342 8.72 7.51 2.36
C TRP C 342 8.31 6.04 2.44
N ASP C 343 7.61 5.63 3.50
CA ASP C 343 7.03 4.30 3.57
C ASP C 343 5.78 4.14 2.72
N SER C 344 5.32 5.22 2.07
CA SER C 344 4.20 5.23 1.15
C SER C 344 2.85 5.16 1.86
N PHE C 345 2.80 5.34 3.17
CA PHE C 345 1.55 5.40 3.92
C PHE C 345 1.48 6.71 4.70
N LEU C 346 0.33 7.37 4.65
CA LEU C 346 0.02 8.38 5.66
C LEU C 346 -0.52 7.72 6.91
N LYS C 347 -0.46 8.47 8.01
CA LYS C 347 -1.14 8.10 9.25
C LYS C 347 -1.73 9.35 9.87
N ILE C 348 -2.92 9.22 10.46
CA ILE C 348 -3.62 10.33 11.08
C ILE C 348 -3.72 10.04 12.57
N TRP C 349 -3.33 11.01 13.39
CA TRP C 349 -3.17 10.82 14.83
C TRP C 349 -4.10 11.72 15.61
N ASN C 350 -4.62 11.19 16.72
CA ASN C 350 -5.35 11.99 17.71
C ASN C 350 -4.87 11.62 19.11
N ALA D 7 28.42 44.24 -14.66
CA ALA D 7 28.62 44.97 -13.38
C ALA D 7 28.78 44.00 -12.22
N SER D 8 29.48 44.45 -11.18
CA SER D 8 29.62 43.68 -9.94
C SER D 8 29.30 44.47 -8.68
N ILE D 9 29.42 45.80 -8.70
CA ILE D 9 29.14 46.58 -7.49
C ILE D 9 27.66 46.89 -7.37
N ALA D 10 26.90 46.79 -8.46
CA ALA D 10 25.46 47.05 -8.40
C ALA D 10 24.77 46.03 -7.51
N GLN D 11 25.15 44.75 -7.61
CA GLN D 11 24.54 43.71 -6.80
C GLN D 11 24.77 43.99 -5.30
N ALA D 12 26.02 44.32 -4.95
CA ALA D 12 26.32 44.63 -3.56
C ALA D 12 25.65 45.91 -3.11
N ARG D 13 25.45 46.86 -4.03
CA ARG D 13 24.66 48.05 -3.71
C ARG D 13 23.23 47.67 -3.34
N LYS D 14 22.64 46.75 -4.08
CA LYS D 14 21.32 46.25 -3.73
C LYS D 14 21.34 45.58 -2.35
N LEU D 15 22.38 44.79 -2.08
CA LEU D 15 22.49 44.15 -0.78
C LEU D 15 22.50 45.18 0.35
N VAL D 16 23.33 46.22 0.22
CA VAL D 16 23.40 47.22 1.27
C VAL D 16 22.10 48.01 1.37
N GLU D 17 21.41 48.23 0.25
CA GLU D 17 20.13 48.92 0.29
C GLU D 17 19.11 48.11 1.12
N GLN D 18 19.01 46.81 0.84
CA GLN D 18 18.05 46.00 1.59
C GLN D 18 18.48 45.88 3.04
N LEU D 19 19.78 45.85 3.31
CA LEU D 19 20.25 45.82 4.68
C LEU D 19 19.90 47.11 5.42
N LYS D 20 19.96 48.26 4.75
CA LYS D 20 19.48 49.49 5.37
C LYS D 20 17.99 49.40 5.66
N MET D 21 17.23 48.88 4.70
CA MET D 21 15.79 48.70 4.93
C MET D 21 15.52 47.85 6.15
N GLU D 22 16.28 46.77 6.35
CA GLU D 22 16.11 45.94 7.53
C GLU D 22 16.62 46.62 8.80
N ALA D 23 17.71 47.38 8.70
CA ALA D 23 18.28 48.03 9.88
C ALA D 23 17.32 49.07 10.44
N ASN D 24 16.57 49.76 9.57
CA ASN D 24 15.68 50.80 10.03
C ASN D 24 14.36 50.27 10.58
N ILE D 25 14.15 48.94 10.56
CA ILE D 25 12.88 48.39 11.01
C ILE D 25 12.74 48.51 12.52
N ASP D 26 11.49 48.50 13.00
CA ASP D 26 11.22 48.59 14.42
C ASP D 26 11.39 47.23 15.09
N ARG D 27 11.63 47.25 16.39
CA ARG D 27 11.85 46.05 17.18
C ARG D 27 11.37 46.26 18.60
N ILE D 28 10.58 45.32 19.11
CA ILE D 28 10.12 45.36 20.49
C ILE D 28 11.02 44.45 21.33
N LYS D 29 11.09 44.74 22.62
CA LYS D 29 11.86 43.91 23.54
C LYS D 29 11.29 42.50 23.56
N VAL D 30 12.18 41.50 23.48
CA VAL D 30 11.72 40.13 23.26
C VAL D 30 10.92 39.62 24.45
N SER D 31 11.00 40.28 25.61
CA SER D 31 10.07 39.94 26.68
C SER D 31 8.64 40.22 26.26
N LYS D 32 8.40 41.32 25.56
CA LYS D 32 7.06 41.63 25.06
C LYS D 32 6.59 40.58 24.05
N ALA D 33 7.48 40.19 23.13
CA ALA D 33 7.12 39.17 22.15
C ALA D 33 6.82 37.83 22.83
N ALA D 34 7.63 37.47 23.81
CA ALA D 34 7.38 36.24 24.56
C ALA D 34 6.04 36.30 25.29
N ALA D 35 5.73 37.46 25.87
CA ALA D 35 4.43 37.63 26.50
C ALA D 35 3.30 37.51 25.48
N ASP D 36 3.50 38.03 24.27
CA ASP D 36 2.48 37.89 23.23
C ASP D 36 2.23 36.43 22.89
N LEU D 37 3.31 35.67 22.67
CA LEU D 37 3.15 34.26 22.35
C LEU D 37 2.51 33.50 23.50
N MET D 38 2.93 33.78 24.73
CA MET D 38 2.35 33.10 25.88
C MET D 38 0.87 33.44 26.02
N ALA D 39 0.50 34.70 25.78
CA ALA D 39 -0.89 35.11 25.85
C ALA D 39 -1.71 34.38 24.80
N TYR D 40 -1.20 34.25 23.58
CA TYR D 40 -1.96 33.56 22.55
C TYR D 40 -2.10 32.08 22.86
N CYS D 41 -1.03 31.46 23.38
CA CYS D 41 -1.12 30.05 23.74
C CYS D 41 -2.13 29.83 24.87
N GLU D 42 -2.12 30.69 25.89
CA GLU D 42 -3.06 30.53 27.00
C GLU D 42 -4.48 30.82 26.56
N ALA D 43 -4.66 31.79 25.66
CA ALA D 43 -6.00 32.15 25.19
C ALA D 43 -6.65 31.06 24.36
N HIS D 44 -5.89 30.09 23.88
CA HIS D 44 -6.42 28.97 23.11
C HIS D 44 -6.19 27.63 23.79
N ALA D 45 -5.82 27.63 25.06
CA ALA D 45 -5.58 26.36 25.75
C ALA D 45 -6.85 25.54 25.87
N LYS D 46 -8.01 26.19 25.88
CA LYS D 46 -9.29 25.50 25.98
C LYS D 46 -9.90 25.15 24.62
N GLU D 47 -9.18 25.42 23.53
CA GLU D 47 -9.69 25.16 22.18
C GLU D 47 -8.62 24.52 21.32
N ASP D 48 -7.91 23.54 21.87
CA ASP D 48 -6.87 22.82 21.15
C ASP D 48 -7.03 21.33 21.42
N PRO D 49 -7.58 20.56 20.46
CA PRO D 49 -7.75 19.12 20.70
C PRO D 49 -6.45 18.39 21.02
N LEU D 50 -5.33 18.78 20.42
CA LEU D 50 -4.08 18.05 20.62
C LEU D 50 -3.48 18.32 22.00
N LEU D 51 -3.51 19.58 22.45
CA LEU D 51 -2.99 19.88 23.78
C LEU D 51 -3.83 19.26 24.87
N THR D 52 -5.16 19.29 24.72
CA THR D 52 -6.08 18.63 25.64
C THR D 52 -6.89 17.63 24.84
N PRO D 53 -6.61 16.31 24.98
CA PRO D 53 -7.30 15.32 24.15
C PRO D 53 -8.80 15.50 24.11
N VAL D 54 -9.34 15.69 22.90
CA VAL D 54 -10.79 15.88 22.74
C VAL D 54 -11.50 14.58 23.13
N PRO D 55 -12.64 14.63 23.82
CA PRO D 55 -13.25 13.39 24.32
C PRO D 55 -13.74 12.50 23.19
N ALA D 56 -13.92 11.22 23.54
CA ALA D 56 -14.24 10.20 22.54
C ALA D 56 -15.56 10.48 21.82
N SER D 57 -16.53 11.10 22.49
CA SER D 57 -17.81 11.37 21.85
C SER D 57 -17.68 12.46 20.78
N GLU D 58 -16.80 13.43 20.98
CA GLU D 58 -16.59 14.50 20.01
C GLU D 58 -15.50 14.17 19.00
N ASN D 59 -14.65 13.18 19.29
CA ASN D 59 -13.56 12.85 18.39
C ASN D 59 -14.12 12.34 17.06
N PRO D 60 -13.81 12.99 15.94
CA PRO D 60 -14.36 12.53 14.65
C PRO D 60 -13.79 11.21 14.17
N PHE D 61 -12.60 10.82 14.61
CA PHE D 61 -11.91 9.66 14.07
C PHE D 61 -12.05 8.42 14.96
N ARG D 62 -12.17 8.59 16.26
CA ARG D 62 -12.32 7.47 17.18
C ARG D 62 -13.69 6.81 17.01
N ASP E 1 -20.92 20.56 -25.15
CA ASP E 1 -21.24 20.58 -23.69
C ASP E 1 -21.94 19.29 -23.27
N VAL E 2 -22.32 19.22 -21.99
CA VAL E 2 -22.89 18.00 -21.44
C VAL E 2 -24.21 17.69 -22.14
N GLN E 3 -24.40 16.42 -22.50
CA GLN E 3 -25.67 15.98 -23.07
C GLN E 3 -26.01 14.57 -22.61
N LEU E 4 -27.28 14.38 -22.26
CA LEU E 4 -27.91 13.08 -22.15
C LEU E 4 -29.12 13.10 -23.06
N VAL E 5 -29.07 12.38 -24.18
CA VAL E 5 -30.10 12.44 -25.21
C VAL E 5 -30.55 11.02 -25.50
N GLU E 6 -31.83 10.74 -25.23
CA GLU E 6 -32.36 9.40 -25.41
C GLU E 6 -33.06 9.26 -26.76
N SER E 7 -33.21 8.01 -27.20
CA SER E 7 -33.88 7.70 -28.45
C SER E 7 -34.55 6.34 -28.32
N GLY E 8 -35.51 6.09 -29.21
CA GLY E 8 -36.23 4.84 -29.23
C GLY E 8 -37.66 4.90 -28.72
N GLY E 9 -38.29 6.07 -28.74
CA GLY E 9 -39.67 6.18 -28.34
C GLY E 9 -40.61 5.73 -29.45
N GLY E 10 -41.89 5.63 -29.09
CA GLY E 10 -42.92 5.28 -30.04
C GLY E 10 -44.03 4.49 -29.38
N LEU E 11 -44.86 3.88 -30.22
CA LEU E 11 -46.02 3.11 -29.78
C LEU E 11 -45.69 1.63 -29.72
N VAL E 12 -46.37 0.92 -28.81
CA VAL E 12 -46.22 -0.52 -28.68
C VAL E 12 -47.54 -1.07 -28.15
N GLN E 13 -47.76 -2.37 -28.37
CA GLN E 13 -48.92 -3.03 -27.81
C GLN E 13 -48.61 -3.56 -26.42
N PRO E 14 -49.59 -3.62 -25.52
CA PRO E 14 -49.34 -4.19 -24.19
C PRO E 14 -48.87 -5.63 -24.30
N GLY E 15 -47.96 -6.01 -23.41
CA GLY E 15 -47.30 -7.29 -23.48
C GLY E 15 -46.09 -7.31 -24.40
N GLY E 16 -45.85 -6.25 -25.15
CA GLY E 16 -44.70 -6.17 -26.02
C GLY E 16 -43.45 -5.76 -25.27
N SER E 17 -42.41 -5.48 -26.05
CA SER E 17 -41.11 -5.10 -25.49
C SER E 17 -40.46 -4.07 -26.39
N ARG E 18 -39.63 -3.22 -25.79
CA ARG E 18 -38.92 -2.18 -26.52
C ARG E 18 -37.73 -1.74 -25.69
N LYS E 19 -36.69 -1.26 -26.39
CA LYS E 19 -35.46 -0.81 -25.77
C LYS E 19 -35.19 0.65 -26.13
N LEU E 20 -34.92 1.46 -25.12
CA LEU E 20 -34.58 2.86 -25.30
C LEU E 20 -33.13 3.08 -24.92
N SER E 21 -32.42 3.89 -25.70
CA SER E 21 -30.99 4.08 -25.54
C SER E 21 -30.68 5.55 -25.31
N CYS E 22 -29.71 5.81 -24.42
CA CYS E 22 -29.33 7.15 -23.99
C CYS E 22 -27.87 7.38 -24.38
N SER E 23 -27.64 8.33 -25.29
CA SER E 23 -26.31 8.58 -25.83
C SER E 23 -25.69 9.76 -25.09
N ALA E 24 -24.89 9.44 -24.07
CA ALA E 24 -24.21 10.48 -23.31
C ALA E 24 -23.01 11.01 -24.09
N SER E 25 -22.74 12.30 -23.94
CA SER E 25 -21.59 12.93 -24.56
C SER E 25 -21.24 14.19 -23.80
N GLY E 26 -19.99 14.63 -23.97
CA GLY E 26 -19.53 15.86 -23.34
C GLY E 26 -19.12 15.73 -21.90
N PHE E 27 -19.09 14.51 -21.34
CA PHE E 27 -18.65 14.31 -19.97
C PHE E 27 -18.15 12.89 -19.81
N ALA E 28 -17.37 12.67 -18.76
CA ALA E 28 -16.71 11.38 -18.52
C ALA E 28 -17.75 10.36 -18.05
N PHE E 29 -18.39 9.73 -19.04
CA PHE E 29 -19.53 8.87 -18.77
C PHE E 29 -19.15 7.71 -17.85
N SER E 30 -17.98 7.11 -18.10
CA SER E 30 -17.62 5.90 -17.38
C SER E 30 -17.60 6.11 -15.86
N SER E 31 -17.40 7.35 -15.42
CA SER E 31 -17.29 7.64 -13.99
C SER E 31 -18.64 7.96 -13.34
N PHE E 32 -19.73 7.99 -14.10
CA PHE E 32 -21.04 8.36 -13.57
C PHE E 32 -21.94 7.15 -13.46
N GLY E 33 -22.61 7.02 -12.31
CA GLY E 33 -23.65 6.02 -12.11
C GLY E 33 -25.02 6.46 -12.59
N MET E 34 -25.24 6.43 -13.91
CA MET E 34 -26.44 6.99 -14.49
C MET E 34 -27.69 6.37 -13.88
N HIS E 35 -28.82 7.04 -14.10
CA HIS E 35 -30.11 6.61 -13.58
C HIS E 35 -31.10 6.47 -14.73
N TRP E 36 -32.34 6.12 -14.37
CA TRP E 36 -33.49 6.24 -15.24
C TRP E 36 -34.71 6.50 -14.38
N VAL E 37 -35.43 7.60 -14.69
CA VAL E 37 -36.66 7.94 -13.98
C VAL E 37 -37.69 8.35 -15.03
N ARG E 38 -38.98 8.25 -14.65
CA ARG E 38 -40.06 8.36 -15.61
C ARG E 38 -41.19 9.24 -15.07
N GLN E 39 -41.96 9.78 -16.00
CA GLN E 39 -43.06 10.70 -15.71
C GLN E 39 -44.30 10.23 -16.47
N ALA E 40 -45.34 9.87 -15.75
CA ALA E 40 -46.60 9.58 -16.42
C ALA E 40 -47.12 10.85 -17.08
N PRO E 41 -47.78 10.74 -18.25
CA PRO E 41 -48.03 11.93 -19.06
C PRO E 41 -48.87 13.00 -18.38
N GLU E 42 -49.50 12.71 -17.22
CA GLU E 42 -50.26 13.74 -16.51
C GLU E 42 -50.05 13.59 -15.00
N LYS E 43 -48.88 13.10 -14.60
CA LYS E 43 -48.60 12.81 -13.20
C LYS E 43 -47.16 13.24 -12.89
N GLY E 44 -46.68 12.82 -11.72
CA GLY E 44 -45.38 13.21 -11.24
C GLY E 44 -44.27 12.25 -11.65
N LEU E 45 -43.12 12.41 -11.00
CA LEU E 45 -41.95 11.61 -11.29
C LEU E 45 -41.93 10.33 -10.45
N GLU E 46 -41.20 9.34 -10.95
CA GLU E 46 -40.98 8.10 -10.23
C GLU E 46 -39.67 7.48 -10.70
N TRP E 47 -39.06 6.69 -9.83
CA TRP E 47 -37.75 6.10 -10.09
C TRP E 47 -37.88 4.72 -10.74
N VAL E 48 -36.98 4.45 -11.69
CA VAL E 48 -37.04 3.21 -12.47
C VAL E 48 -35.82 2.34 -12.18
N ALA E 49 -34.62 2.84 -12.47
CA ALA E 49 -33.44 2.01 -12.42
C ALA E 49 -32.19 2.83 -12.13
N TYR E 50 -31.13 2.12 -11.75
CA TYR E 50 -29.83 2.65 -11.36
C TYR E 50 -28.72 1.66 -11.67
N ILE E 51 -27.79 2.06 -12.53
CA ILE E 51 -26.60 1.27 -12.81
C ILE E 51 -25.38 2.10 -12.44
N SER E 52 -24.53 1.56 -11.58
CA SER E 52 -23.43 2.34 -11.02
C SER E 52 -22.28 2.45 -12.03
N SER E 53 -21.24 3.16 -11.60
CA SER E 53 -20.02 3.23 -12.39
C SER E 53 -19.33 1.88 -12.43
N GLY E 54 -18.99 1.42 -13.63
CA GLY E 54 -18.44 0.10 -13.78
C GLY E 54 -19.44 -1.03 -13.63
N SER E 55 -20.73 -0.69 -13.55
CA SER E 55 -21.81 -1.68 -13.48
C SER E 55 -21.70 -2.58 -12.26
N GLY E 56 -21.13 -2.08 -11.17
CA GLY E 56 -20.97 -2.89 -9.97
C GLY E 56 -22.22 -3.04 -9.13
N THR E 57 -23.28 -2.30 -9.44
CA THR E 57 -24.51 -2.35 -8.66
C THR E 57 -25.65 -1.83 -9.52
N ILE E 58 -26.77 -2.56 -9.55
CA ILE E 58 -27.97 -2.11 -10.24
C ILE E 58 -29.19 -2.40 -9.36
N TYR E 59 -30.07 -1.40 -9.24
CA TYR E 59 -31.30 -1.51 -8.49
C TYR E 59 -32.49 -1.11 -9.37
N TYR E 60 -33.68 -1.54 -8.96
CA TYR E 60 -34.90 -1.24 -9.69
C TYR E 60 -36.01 -0.90 -8.70
N ALA E 61 -37.04 -0.24 -9.21
CA ALA E 61 -38.27 -0.08 -8.45
C ALA E 61 -39.04 -1.40 -8.45
N ASP E 62 -39.71 -1.67 -7.32
CA ASP E 62 -40.40 -2.95 -7.17
C ASP E 62 -41.43 -3.16 -8.27
N THR E 63 -42.09 -2.09 -8.69
CA THR E 63 -43.10 -2.20 -9.74
C THR E 63 -42.51 -2.50 -11.11
N VAL E 64 -41.18 -2.47 -11.26
CA VAL E 64 -40.54 -2.76 -12.53
C VAL E 64 -39.51 -3.88 -12.42
N LYS E 65 -39.14 -4.30 -11.21
CA LYS E 65 -38.12 -5.33 -11.06
C LYS E 65 -38.53 -6.61 -11.78
N GLY E 66 -37.60 -7.17 -12.55
CA GLY E 66 -37.82 -8.39 -13.28
C GLY E 66 -38.39 -8.21 -14.68
N ARG E 67 -38.88 -7.01 -15.00
CA ARG E 67 -39.49 -6.73 -16.29
C ARG E 67 -38.64 -5.82 -17.16
N PHE E 68 -37.98 -4.83 -16.56
CA PHE E 68 -36.98 -4.02 -17.25
C PHE E 68 -35.60 -4.49 -16.85
N THR E 69 -34.61 -4.16 -17.68
CA THR E 69 -33.21 -4.36 -17.33
C THR E 69 -32.38 -3.27 -17.99
N ILE E 70 -31.45 -2.71 -17.22
CA ILE E 70 -30.66 -1.54 -17.64
C ILE E 70 -29.21 -1.96 -17.76
N SER E 71 -28.53 -1.46 -18.78
CA SER E 71 -27.13 -1.79 -19.05
C SER E 71 -26.38 -0.53 -19.44
N ARG E 72 -25.08 -0.52 -19.18
CA ARG E 72 -24.21 0.60 -19.51
C ARG E 72 -23.09 0.13 -20.42
N ASP E 73 -23.02 0.69 -21.62
CA ASP E 73 -21.95 0.41 -22.58
C ASP E 73 -20.94 1.55 -22.55
N ASP E 74 -20.03 1.48 -21.58
CA ASP E 74 -19.10 2.59 -21.35
C ASP E 74 -18.26 2.93 -22.57
N PRO E 75 -17.70 1.98 -23.31
CA PRO E 75 -16.87 2.37 -24.47
C PRO E 75 -17.65 3.15 -25.52
N LYS E 76 -18.97 3.08 -25.52
CA LYS E 76 -19.80 3.85 -26.45
C LYS E 76 -20.60 4.93 -25.72
N ASN E 77 -20.34 5.14 -24.43
CA ASN E 77 -20.99 6.18 -23.63
C ASN E 77 -22.51 6.07 -23.66
N THR E 78 -23.04 4.88 -23.92
CA THR E 78 -24.48 4.71 -24.15
C THR E 78 -25.09 3.93 -23.00
N LEU E 79 -26.24 4.40 -22.53
CA LEU E 79 -27.02 3.74 -21.49
C LEU E 79 -28.30 3.17 -22.09
N PHE E 80 -28.62 1.93 -21.72
CA PHE E 80 -29.75 1.19 -22.30
C PHE E 80 -30.75 0.83 -21.23
N LEU E 81 -32.02 0.77 -21.62
CA LEU E 81 -33.09 0.22 -20.81
C LEU E 81 -33.93 -0.71 -21.68
N GLN E 82 -33.77 -2.02 -21.47
CA GLN E 82 -34.55 -3.02 -22.19
C GLN E 82 -35.83 -3.30 -21.41
N MET E 83 -36.95 -2.86 -21.96
CA MET E 83 -38.26 -3.02 -21.32
C MET E 83 -38.99 -4.17 -21.97
N THR E 84 -39.36 -5.17 -21.17
CA THR E 84 -40.03 -6.37 -21.65
C THR E 84 -41.34 -6.56 -20.89
N SER E 85 -42.30 -7.19 -21.56
CA SER E 85 -43.63 -7.44 -21.01
C SER E 85 -44.23 -6.15 -20.45
N LEU E 86 -44.44 -5.20 -21.36
CA LEU E 86 -44.98 -3.90 -20.96
C LEU E 86 -46.42 -4.03 -20.48
N ARG E 87 -46.83 -3.06 -19.67
CA ARG E 87 -48.18 -3.00 -19.13
C ARG E 87 -48.66 -1.56 -19.20
N SER E 88 -49.99 -1.38 -19.14
CA SER E 88 -50.58 -0.06 -19.30
C SER E 88 -49.99 0.94 -18.31
N GLU E 89 -49.57 0.47 -17.13
CA GLU E 89 -49.02 1.35 -16.12
C GLU E 89 -47.61 1.84 -16.47
N ASP E 90 -47.03 1.37 -17.56
CA ASP E 90 -45.65 1.71 -17.92
C ASP E 90 -45.54 2.81 -18.96
N THR E 91 -46.66 3.39 -19.40
CA THR E 91 -46.58 4.53 -20.32
C THR E 91 -46.13 5.76 -19.57
N ALA E 92 -45.13 6.45 -20.11
CA ALA E 92 -44.51 7.59 -19.44
C ALA E 92 -43.47 8.17 -20.38
N MET E 93 -42.83 9.26 -19.93
CA MET E 93 -41.64 9.79 -20.56
C MET E 93 -40.45 9.51 -19.65
N TYR E 94 -39.43 8.85 -20.19
CA TYR E 94 -38.32 8.33 -19.41
C TYR E 94 -37.11 9.25 -19.56
N TYR E 95 -36.57 9.69 -18.42
CA TYR E 95 -35.43 10.60 -18.39
C TYR E 95 -34.15 9.87 -18.02
N CYS E 96 -33.11 10.10 -18.83
CA CYS E 96 -31.76 9.67 -18.52
C CYS E 96 -31.12 10.70 -17.60
N VAL E 97 -30.63 10.25 -16.43
CA VAL E 97 -30.22 11.15 -15.37
C VAL E 97 -28.78 10.85 -14.96
N ARG E 98 -28.01 11.90 -14.71
CA ARG E 98 -26.60 11.80 -14.34
C ARG E 98 -26.43 11.68 -12.84
N SER E 99 -25.35 11.03 -12.42
CA SER E 99 -25.02 10.96 -10.99
C SER E 99 -23.59 10.47 -10.83
N ILE E 100 -22.91 11.02 -9.82
CA ILE E 100 -21.58 10.59 -9.42
C ILE E 100 -21.46 10.78 -7.91
N TYR E 101 -20.94 9.79 -7.22
CA TYR E 101 -21.02 9.73 -5.75
C TYR E 101 -19.62 9.79 -5.15
N TYR E 102 -19.34 10.88 -4.46
CA TYR E 102 -18.17 11.02 -3.61
C TYR E 102 -18.44 12.19 -2.65
N TYR E 103 -17.66 12.24 -1.57
CA TYR E 103 -17.91 13.24 -0.54
C TYR E 103 -17.99 14.63 -1.14
N GLY E 104 -19.12 15.29 -0.94
CA GLY E 104 -19.34 16.62 -1.46
C GLY E 104 -19.84 16.68 -2.89
N SER E 105 -20.21 15.55 -3.48
CA SER E 105 -20.70 15.55 -4.84
C SER E 105 -22.17 15.92 -4.90
N SER E 106 -22.66 16.15 -6.12
CA SER E 106 -24.06 16.49 -6.34
C SER E 106 -24.72 15.40 -7.20
N PRO E 107 -25.38 14.41 -6.59
CA PRO E 107 -26.11 13.43 -7.38
C PRO E 107 -27.31 14.03 -8.07
N PHE E 108 -27.78 13.34 -9.11
CA PHE E 108 -28.94 13.79 -9.89
C PHE E 108 -28.73 15.20 -10.43
N ASP E 109 -27.48 15.52 -10.80
CA ASP E 109 -27.15 16.89 -11.15
C ASP E 109 -27.30 17.21 -12.62
N PHE E 110 -27.75 16.27 -13.46
CA PHE E 110 -28.07 16.58 -14.84
C PHE E 110 -29.06 15.55 -15.37
N TRP E 111 -29.91 16.00 -16.28
CA TRP E 111 -31.03 15.23 -16.80
C TRP E 111 -31.05 15.32 -18.31
N GLY E 112 -31.48 14.25 -18.96
CA GLY E 112 -31.58 14.22 -20.40
C GLY E 112 -32.90 14.79 -20.89
N GLN E 113 -33.04 14.80 -22.22
CA GLN E 113 -34.25 15.31 -22.83
C GLN E 113 -35.46 14.44 -22.52
N GLY E 114 -35.30 13.12 -22.59
CA GLY E 114 -36.38 12.19 -22.36
C GLY E 114 -37.09 11.79 -23.63
N THR E 115 -37.69 10.60 -23.60
CA THR E 115 -38.46 10.07 -24.70
C THR E 115 -39.77 9.49 -24.19
N THR E 116 -40.81 9.61 -25.02
CA THR E 116 -42.13 9.09 -24.66
C THR E 116 -42.23 7.62 -25.06
N LEU E 117 -42.76 6.81 -24.15
CA LEU E 117 -43.12 5.43 -24.42
C LEU E 117 -44.60 5.26 -24.10
N THR E 118 -45.40 4.97 -25.12
CA THR E 118 -46.85 4.88 -24.97
C THR E 118 -47.33 3.51 -25.43
N VAL E 119 -48.26 2.94 -24.67
CA VAL E 119 -48.76 1.60 -24.88
C VAL E 119 -50.26 1.69 -25.17
N SER E 120 -50.70 1.01 -26.22
CA SER E 120 -52.11 1.05 -26.60
C SER E 120 -53.00 0.58 -25.46
N SER E 136 -42.57 -0.53 3.08
CA SER E 136 -41.42 -0.10 3.86
C SER E 136 -40.69 1.07 3.19
N ASP E 137 -41.18 1.48 2.03
CA ASP E 137 -40.55 2.56 1.29
C ASP E 137 -40.84 3.90 1.96
N ILE E 138 -39.90 4.83 1.80
CA ILE E 138 -40.09 6.21 2.25
C ILE E 138 -40.91 6.95 1.21
N VAL E 139 -42.04 7.52 1.61
CA VAL E 139 -42.96 8.20 0.71
C VAL E 139 -42.86 9.70 0.96
N MET E 140 -42.82 10.47 -0.13
CA MET E 140 -42.66 11.92 -0.07
C MET E 140 -44.03 12.58 -0.26
N THR E 141 -44.38 13.47 0.66
CA THR E 141 -45.67 14.16 0.63
C THR E 141 -45.44 15.66 0.52
N GLN E 142 -46.31 16.32 -0.26
CA GLN E 142 -46.26 17.76 -0.45
C GLN E 142 -47.61 18.36 -0.07
N ALA E 143 -47.57 19.51 0.61
CA ALA E 143 -48.76 20.02 1.28
C ALA E 143 -49.81 20.56 0.32
N THR E 144 -49.43 20.94 -0.89
CA THR E 144 -50.40 21.49 -1.84
C THR E 144 -49.96 21.15 -3.25
N SER E 145 -50.95 21.02 -4.14
CA SER E 145 -50.66 20.70 -5.54
C SER E 145 -50.28 21.95 -6.34
N SER E 146 -50.69 23.13 -5.90
CA SER E 146 -50.36 24.35 -6.63
C SER E 146 -50.68 25.57 -5.77
N VAL E 147 -50.00 26.67 -6.07
CA VAL E 147 -50.25 27.95 -5.41
C VAL E 147 -49.98 29.08 -6.41
N PRO E 148 -50.82 30.12 -6.47
CA PRO E 148 -50.47 31.29 -7.29
C PRO E 148 -49.32 32.08 -6.69
N VAL E 149 -48.58 32.77 -7.56
CA VAL E 149 -47.48 33.63 -7.14
C VAL E 149 -47.39 34.81 -8.10
N THR E 150 -46.61 35.81 -7.70
CA THR E 150 -46.34 36.98 -8.54
C THR E 150 -44.85 37.24 -8.57
N PRO E 151 -44.32 37.76 -9.69
CA PRO E 151 -42.89 38.06 -9.75
C PRO E 151 -42.47 39.07 -8.70
N GLY E 152 -41.25 38.92 -8.20
CA GLY E 152 -40.70 39.79 -7.19
C GLY E 152 -41.07 39.41 -5.76
N GLU E 153 -41.99 38.46 -5.57
CA GLU E 153 -42.39 38.05 -4.25
C GLU E 153 -41.49 36.92 -3.74
N SER E 154 -41.80 36.42 -2.55
CA SER E 154 -41.09 35.30 -1.95
C SER E 154 -42.10 34.27 -1.48
N VAL E 155 -41.75 32.99 -1.64
CA VAL E 155 -42.66 31.89 -1.36
C VAL E 155 -41.87 30.75 -0.73
N SER E 156 -42.60 29.81 -0.12
CA SER E 156 -42.01 28.66 0.55
C SER E 156 -42.68 27.39 0.05
N ILE E 157 -41.89 26.49 -0.54
CA ILE E 157 -42.34 25.14 -0.84
C ILE E 157 -42.01 24.27 0.36
N SER E 158 -42.74 23.17 0.52
CA SER E 158 -42.53 22.28 1.66
C SER E 158 -42.94 20.87 1.30
N CYS E 159 -42.26 19.90 1.91
CA CYS E 159 -42.64 18.50 1.80
C CYS E 159 -42.11 17.75 3.01
N ARG E 160 -42.67 16.56 3.25
CA ARG E 160 -42.34 15.76 4.41
C ARG E 160 -42.19 14.31 3.98
N SER E 161 -41.46 13.54 4.78
CA SER E 161 -41.17 12.15 4.49
C SER E 161 -41.63 11.26 5.64
N SER E 162 -42.01 10.02 5.30
CA SER E 162 -42.51 9.09 6.30
C SER E 162 -41.43 8.67 7.29
N LYS E 163 -40.17 8.78 6.93
CA LYS E 163 -39.06 8.48 7.83
C LYS E 163 -38.06 9.63 7.77
N SER E 164 -37.37 9.85 8.88
CA SER E 164 -36.39 10.93 8.96
C SER E 164 -35.22 10.63 8.03
N LEU E 165 -34.90 11.58 7.16
CA LEU E 165 -33.80 11.43 6.23
C LEU E 165 -32.45 11.76 6.86
N LEU E 166 -32.43 12.27 8.09
CA LEU E 166 -31.19 12.58 8.80
C LEU E 166 -30.46 11.29 9.11
N HIS E 167 -29.38 11.02 8.39
CA HIS E 167 -28.60 9.82 8.60
C HIS E 167 -27.70 9.98 9.82
N SER E 168 -27.22 8.84 10.35
CA SER E 168 -26.44 8.86 11.57
C SER E 168 -25.17 9.69 11.46
N ASN E 169 -24.67 9.92 10.24
CA ASN E 169 -23.46 10.69 10.03
C ASN E 169 -23.72 12.20 9.95
N GLY E 170 -24.96 12.64 10.13
CA GLY E 170 -25.29 14.05 10.12
C GLY E 170 -25.85 14.58 8.82
N ASN E 171 -25.60 13.90 7.70
CA ASN E 171 -26.25 14.27 6.46
C ASN E 171 -27.72 13.87 6.50
N THR E 172 -28.56 14.67 5.85
CA THR E 172 -29.94 14.32 5.59
C THR E 172 -30.16 14.40 4.08
N TYR E 173 -30.63 13.30 3.49
CA TYR E 173 -30.51 13.08 2.05
C TYR E 173 -31.81 13.46 1.33
N LEU E 174 -31.97 14.74 1.08
CA LEU E 174 -33.14 15.24 0.35
C LEU E 174 -32.72 16.19 -0.76
N TYR E 175 -33.42 16.10 -1.88
CA TYR E 175 -33.11 16.85 -3.08
C TYR E 175 -34.34 17.61 -3.55
N TRP E 176 -34.11 18.69 -4.29
CA TRP E 176 -35.18 19.52 -4.85
C TRP E 176 -34.92 19.71 -6.33
N PHE E 177 -35.95 19.51 -7.15
CA PHE E 177 -35.87 19.67 -8.60
C PHE E 177 -36.96 20.62 -9.07
N LEU E 178 -36.67 21.32 -10.17
CA LEU E 178 -37.62 22.26 -10.76
C LEU E 178 -37.78 21.93 -12.24
N GLN E 179 -38.99 21.49 -12.61
CA GLN E 179 -39.36 21.24 -14.00
C GLN E 179 -40.14 22.44 -14.51
N ARG E 180 -39.48 23.28 -15.30
CA ARG E 180 -40.21 24.31 -16.03
C ARG E 180 -41.07 23.64 -17.10
N PRO E 181 -42.27 24.14 -17.36
CA PRO E 181 -43.14 23.47 -18.35
C PRO E 181 -42.44 23.36 -19.70
N GLY E 182 -42.50 22.17 -20.28
CA GLY E 182 -41.86 21.90 -21.55
C GLY E 182 -40.37 21.66 -21.47
N GLN E 183 -39.81 21.52 -20.26
CA GLN E 183 -38.39 21.29 -20.07
C GLN E 183 -38.18 20.12 -19.13
N SER E 184 -37.02 19.47 -19.25
CA SER E 184 -36.67 18.41 -18.34
C SER E 184 -36.28 18.99 -16.98
N PRO E 185 -36.39 18.20 -15.91
CA PRO E 185 -36.10 18.72 -14.57
C PRO E 185 -34.67 19.20 -14.44
N GLN E 186 -34.44 20.03 -13.42
CA GLN E 186 -33.11 20.53 -13.09
C GLN E 186 -32.95 20.57 -11.58
N LEU E 187 -31.76 20.17 -11.11
CA LEU E 187 -31.49 20.12 -9.68
C LEU E 187 -31.35 21.52 -9.12
N LEU E 188 -32.04 21.78 -8.00
CA LEU E 188 -31.87 23.02 -7.24
C LEU E 188 -31.00 22.81 -6.02
N ILE E 189 -31.41 21.90 -5.12
CA ILE E 189 -30.78 21.71 -3.83
C ILE E 189 -30.48 20.22 -3.65
N TYR E 190 -29.37 19.91 -3.00
CA TYR E 190 -29.04 18.54 -2.64
C TYR E 190 -28.62 18.46 -1.19
N ARG E 191 -29.05 17.38 -0.53
CA ARG E 191 -28.98 17.26 0.92
C ARG E 191 -29.51 18.52 1.59
N MET E 192 -30.65 18.99 1.08
CA MET E 192 -31.55 19.97 1.68
C MET E 192 -30.96 21.35 1.93
N SER E 193 -29.66 21.53 1.70
CA SER E 193 -29.03 22.82 1.96
C SER E 193 -28.07 23.28 0.87
N ASN E 194 -27.51 22.38 0.06
CA ASN E 194 -26.43 22.72 -0.85
C ASN E 194 -27.02 23.14 -2.19
N LEU E 195 -26.82 24.40 -2.55
CA LEU E 195 -27.32 24.92 -3.81
C LEU E 195 -26.50 24.36 -4.96
N ALA E 196 -27.20 23.87 -5.98
CA ALA E 196 -26.53 23.27 -7.13
C ALA E 196 -25.82 24.33 -7.97
N SER E 197 -24.70 23.95 -8.56
CA SER E 197 -23.87 24.87 -9.34
C SER E 197 -24.64 25.31 -10.57
N GLY E 198 -24.96 26.60 -10.65
CA GLY E 198 -25.73 27.16 -11.75
C GLY E 198 -27.09 27.67 -11.36
N VAL E 199 -27.65 27.22 -10.25
CA VAL E 199 -28.93 27.75 -9.77
C VAL E 199 -28.66 29.07 -9.03
N PRO E 200 -29.33 30.17 -9.39
CA PRO E 200 -29.10 31.43 -8.67
C PRO E 200 -29.39 31.28 -7.19
N ASP E 201 -28.86 32.21 -6.40
CA ASP E 201 -28.95 32.14 -4.95
C ASP E 201 -30.34 32.56 -4.45
N ARG E 202 -31.30 32.69 -5.35
CA ARG E 202 -32.67 32.93 -4.93
C ARG E 202 -33.19 31.78 -4.08
N PHE E 203 -32.63 30.59 -4.25
CA PHE E 203 -33.14 29.37 -3.61
C PHE E 203 -32.31 29.03 -2.39
N SER E 204 -32.99 28.62 -1.32
CA SER E 204 -32.33 28.04 -0.15
C SER E 204 -33.24 26.96 0.42
N GLY E 205 -32.63 25.97 1.04
CA GLY E 205 -33.37 24.84 1.60
C GLY E 205 -33.06 24.66 3.07
N SER E 206 -34.04 24.13 3.80
CA SER E 206 -33.89 23.86 5.22
C SER E 206 -34.90 22.81 5.64
N GLY E 207 -34.65 22.19 6.79
CA GLY E 207 -35.51 21.12 7.26
C GLY E 207 -35.02 20.61 8.59
N SER E 208 -35.79 19.66 9.14
CA SER E 208 -35.51 19.10 10.45
C SER E 208 -35.67 17.58 10.41
N GLY E 209 -35.09 16.95 9.40
CA GLY E 209 -35.12 15.49 9.28
C GLY E 209 -36.38 14.91 8.67
N THR E 210 -37.54 15.23 9.25
CA THR E 210 -38.81 14.72 8.76
C THR E 210 -39.61 15.73 7.94
N ALA E 211 -39.42 17.02 8.20
CA ALA E 211 -40.10 18.09 7.47
C ALA E 211 -39.07 18.98 6.78
N PHE E 212 -39.42 19.49 5.61
CA PHE E 212 -38.46 20.16 4.76
C PHE E 212 -39.15 21.33 4.05
N THR E 213 -38.34 22.25 3.55
CA THR E 213 -38.85 23.40 2.82
C THR E 213 -37.82 23.91 1.83
N LEU E 214 -38.32 24.49 0.74
CA LEU E 214 -37.50 25.22 -0.22
C LEU E 214 -38.03 26.65 -0.27
N THR E 215 -37.15 27.63 -0.03
CA THR E 215 -37.54 29.02 0.04
C THR E 215 -37.02 29.76 -1.20
N ILE E 216 -37.92 30.49 -1.87
CA ILE E 216 -37.58 31.29 -3.03
C ILE E 216 -37.79 32.75 -2.66
N SER E 217 -36.79 33.58 -2.96
CA SER E 217 -36.84 35.02 -2.69
C SER E 217 -36.60 35.77 -3.98
N ARG E 218 -37.40 36.83 -4.19
CA ARG E 218 -37.32 37.62 -5.42
C ARG E 218 -37.58 36.76 -6.65
N LEU E 219 -38.76 36.15 -6.68
CA LEU E 219 -39.12 35.22 -7.74
C LEU E 219 -39.07 35.90 -9.10
N GLU E 220 -38.53 35.19 -10.08
CA GLU E 220 -38.42 35.68 -11.45
C GLU E 220 -39.44 34.99 -12.34
N ALA E 221 -39.86 35.70 -13.39
CA ALA E 221 -40.91 35.17 -14.27
C ALA E 221 -40.47 33.90 -15.00
N GLU E 222 -39.16 33.67 -15.12
CA GLU E 222 -38.66 32.44 -15.72
C GLU E 222 -38.59 31.29 -14.73
N ASP E 223 -38.99 31.50 -13.49
CA ASP E 223 -38.88 30.50 -12.44
C ASP E 223 -40.14 29.65 -12.29
N VAL E 224 -41.21 29.96 -13.00
CA VAL E 224 -42.48 29.29 -12.76
C VAL E 224 -42.42 27.86 -13.28
N GLY E 225 -42.82 26.91 -12.45
CA GLY E 225 -42.78 25.51 -12.84
C GLY E 225 -43.21 24.62 -11.68
N VAL E 226 -42.88 23.34 -11.81
CA VAL E 226 -43.22 22.33 -10.81
C VAL E 226 -41.98 22.03 -9.99
N TYR E 227 -42.17 21.85 -8.67
CA TYR E 227 -41.07 21.59 -7.75
C TYR E 227 -41.27 20.21 -7.13
N TYR E 228 -40.32 19.31 -7.36
CA TYR E 228 -40.32 17.96 -6.81
C TYR E 228 -39.21 17.87 -5.77
N CYS E 229 -39.53 17.30 -4.60
CA CYS E 229 -38.48 16.88 -3.68
C CYS E 229 -38.36 15.36 -3.70
N MET E 230 -37.16 14.88 -3.39
CA MET E 230 -36.82 13.49 -3.61
C MET E 230 -35.81 13.03 -2.55
N GLN E 231 -36.12 11.93 -1.88
CA GLN E 231 -35.24 11.38 -0.86
C GLN E 231 -34.21 10.45 -1.49
N HIS E 232 -33.04 10.39 -0.85
CA HIS E 232 -31.95 9.53 -1.32
C HIS E 232 -31.34 8.71 -0.19
N LEU E 233 -32.09 8.52 0.90
CA LEU E 233 -31.56 7.74 2.02
C LEU E 233 -31.55 6.25 1.70
N GLU E 234 -32.57 5.78 0.96
CA GLU E 234 -32.63 4.38 0.56
C GLU E 234 -33.34 4.30 -0.78
N TYR E 235 -32.90 3.34 -1.60
CA TYR E 235 -33.47 3.16 -2.94
C TYR E 235 -34.93 2.71 -2.85
N THR E 238 -37.88 7.78 -4.56
CA THR E 238 -39.28 8.18 -4.43
C THR E 238 -39.41 9.70 -4.39
N PHE E 239 -39.96 10.26 -5.46
CA PHE E 239 -40.20 11.69 -5.56
C PHE E 239 -41.48 12.08 -4.85
N GLY E 240 -41.68 13.39 -4.69
CA GLY E 240 -42.93 13.92 -4.24
C GLY E 240 -43.93 14.07 -5.37
N ALA E 241 -45.13 14.53 -5.02
CA ALA E 241 -46.18 14.68 -6.02
C ALA E 241 -45.88 15.82 -7.00
N GLY E 242 -45.26 16.90 -6.54
CA GLY E 242 -44.94 18.02 -7.40
C GLY E 242 -45.89 19.19 -7.23
N THR E 243 -45.44 20.22 -6.52
CA THR E 243 -46.20 21.46 -6.38
C THR E 243 -45.94 22.36 -7.58
N LYS E 244 -47.01 22.90 -8.15
CA LYS E 244 -46.92 23.71 -9.36
C LYS E 244 -47.19 25.17 -9.03
N LEU E 245 -46.23 26.03 -9.34
CA LEU E 245 -46.43 27.47 -9.21
C LEU E 245 -47.09 28.02 -10.47
N GLU E 246 -47.91 29.06 -10.28
CA GLU E 246 -48.59 29.73 -11.38
C GLU E 246 -48.41 31.23 -11.23
N LEU E 247 -48.08 31.89 -12.33
CA LEU E 247 -47.86 33.33 -12.33
C LEU E 247 -49.14 34.07 -11.93
N LEU F 6 -15.52 -61.75 8.58
CA LEU F 6 -16.72 -62.63 8.49
C LEU F 6 -16.73 -63.71 9.56
N LEU F 7 -15.64 -64.48 9.64
CA LEU F 7 -15.60 -65.65 10.50
C LEU F 7 -15.29 -65.30 11.96
N ARG F 8 -16.18 -64.51 12.59
CA ARG F 8 -16.00 -64.20 14.00
C ARG F 8 -16.54 -65.30 14.92
N GLN F 9 -17.41 -66.16 14.40
CA GLN F 9 -18.06 -67.17 15.23
C GLN F 9 -17.14 -68.33 15.61
N LYS F 10 -16.02 -68.51 14.90
CA LYS F 10 -15.14 -69.63 15.19
C LYS F 10 -14.62 -69.59 16.61
N ILE F 11 -14.45 -68.39 17.18
CA ILE F 11 -13.91 -68.29 18.53
C ILE F 11 -14.83 -69.00 19.51
N GLU F 12 -16.12 -68.68 19.49
CA GLU F 12 -17.07 -69.35 20.37
C GLU F 12 -17.23 -70.82 19.98
N GLU F 13 -17.22 -71.11 18.67
CA GLU F 13 -17.37 -72.49 18.25
C GLU F 13 -16.30 -73.38 18.86
N GLN F 14 -15.05 -72.89 18.88
CA GLN F 14 -13.96 -73.66 19.48
C GLN F 14 -14.00 -73.60 20.99
N ALA F 15 -14.34 -72.44 21.57
CA ALA F 15 -14.31 -72.31 23.02
C ALA F 15 -15.38 -73.16 23.69
N ALA F 16 -16.44 -73.51 22.96
CA ALA F 16 -17.47 -74.37 23.54
C ALA F 16 -16.93 -75.73 23.95
N LYS F 17 -15.77 -76.13 23.41
CA LYS F 17 -15.18 -77.42 23.78
C LYS F 17 -14.61 -77.42 25.19
N TYR F 18 -14.38 -76.24 25.78
CA TYR F 18 -13.83 -76.15 27.13
C TYR F 18 -14.95 -76.41 28.13
N LYS F 19 -14.85 -77.52 28.86
CA LYS F 19 -15.88 -77.93 29.80
C LYS F 19 -15.69 -77.37 31.19
N HIS F 20 -14.63 -76.59 31.43
CA HIS F 20 -14.34 -76.07 32.75
C HIS F 20 -14.05 -74.57 32.65
N SER F 21 -14.33 -73.86 33.74
CA SER F 21 -14.35 -72.39 33.70
C SER F 21 -12.97 -71.82 33.37
N VAL F 22 -11.92 -72.36 33.95
CA VAL F 22 -10.58 -71.82 33.75
C VAL F 22 -10.18 -71.95 32.28
N PRO F 23 -10.24 -73.15 31.68
CA PRO F 23 -9.95 -73.26 30.25
C PRO F 23 -10.83 -72.36 29.40
N LYS F 24 -12.13 -72.29 29.69
CA LYS F 24 -13.03 -71.49 28.87
C LYS F 24 -12.68 -70.01 28.94
N LYS F 25 -12.46 -69.50 30.16
CA LYS F 25 -12.16 -68.09 30.33
C LYS F 25 -10.85 -67.72 29.64
N CYS F 26 -9.80 -68.55 29.84
CA CYS F 26 -8.53 -68.19 29.24
C CYS F 26 -8.52 -68.40 27.73
N CYS F 27 -9.31 -69.36 27.22
CA CYS F 27 -9.50 -69.49 25.78
C CYS F 27 -10.17 -68.26 25.21
N TYR F 28 -11.22 -67.77 25.88
CA TYR F 28 -11.88 -66.56 25.42
C TYR F 28 -10.92 -65.37 25.45
N ASP F 29 -10.09 -65.29 26.49
CA ASP F 29 -9.06 -64.26 26.54
C ASP F 29 -7.96 -64.49 25.51
N GLY F 30 -7.89 -65.67 24.89
CA GLY F 30 -6.89 -65.92 23.87
C GLY F 30 -6.99 -65.00 22.66
N ALA F 31 -8.18 -64.50 22.34
CA ALA F 31 -8.37 -63.58 21.23
C ALA F 31 -8.05 -62.17 21.73
N ARG F 32 -6.88 -61.66 21.34
CA ARG F 32 -6.39 -60.39 21.85
C ARG F 32 -5.40 -59.80 20.86
N VAL F 33 -5.16 -58.50 20.99
CA VAL F 33 -4.57 -57.71 19.92
C VAL F 33 -3.11 -57.34 20.23
N ASN F 34 -2.40 -58.18 20.98
CA ASN F 34 -1.00 -57.91 21.26
C ASN F 34 -0.21 -57.81 19.96
N PHE F 35 0.45 -56.67 19.77
CA PHE F 35 1.25 -56.44 18.57
C PHE F 35 2.55 -57.22 18.62
N CYS F 39 1.71 -66.98 20.40
CA CYS F 39 1.22 -67.27 21.75
C CYS F 39 2.36 -67.23 22.76
N GLU F 40 3.54 -67.69 22.33
CA GLU F 40 4.65 -67.84 23.26
C GLU F 40 5.04 -66.53 23.91
N GLU F 41 4.96 -65.42 23.18
CA GLU F 41 5.38 -64.13 23.72
C GLU F 41 4.39 -63.57 24.73
N ARG F 42 3.15 -64.07 24.74
CA ARG F 42 2.12 -63.55 25.64
C ARG F 42 1.71 -64.54 26.72
N VAL F 43 1.80 -65.85 26.46
CA VAL F 43 1.55 -66.84 27.50
C VAL F 43 2.75 -67.78 27.56
N ALA F 44 3.73 -67.43 28.40
CA ALA F 44 4.82 -68.36 28.69
C ALA F 44 4.44 -69.31 29.81
N ARG F 45 3.49 -68.90 30.66
CA ARG F 45 2.91 -69.75 31.66
C ARG F 45 1.46 -69.34 31.85
N VAL F 46 0.61 -70.32 32.13
CA VAL F 46 -0.83 -70.06 32.21
C VAL F 46 -1.19 -69.50 33.59
N THR F 47 -2.35 -68.87 33.66
CA THR F 47 -2.89 -68.34 34.91
C THR F 47 -4.40 -68.25 34.84
N LEU F 51 -4.82 -75.87 34.29
CA LEU F 51 -5.89 -76.39 33.45
C LEU F 51 -5.99 -75.62 32.14
N CYS F 52 -5.49 -74.39 32.14
CA CYS F 52 -5.73 -73.47 31.03
C CYS F 52 -4.99 -73.88 29.77
N ILE F 53 -3.66 -73.96 29.84
CA ILE F 53 -2.84 -73.81 28.65
C ILE F 53 -3.25 -74.79 27.55
N ARG F 54 -3.69 -75.99 27.92
CA ARG F 54 -4.03 -77.00 26.92
C ARG F 54 -5.06 -76.48 25.91
N ALA F 55 -5.95 -75.59 26.34
CA ALA F 55 -6.94 -75.01 25.45
C ALA F 55 -6.54 -73.62 24.97
N PHE F 56 -5.92 -72.83 25.86
CA PHE F 56 -5.55 -71.47 25.52
C PHE F 56 -4.55 -71.43 24.36
N ASN F 57 -3.63 -72.39 24.32
CA ASN F 57 -2.68 -72.41 23.21
C ASN F 57 -3.40 -72.50 21.87
N GLU F 58 -4.30 -73.46 21.74
CA GLU F 58 -5.04 -73.61 20.48
C GLU F 58 -5.88 -72.38 20.18
N CYS F 59 -6.55 -71.83 21.20
CA CYS F 59 -7.40 -70.68 20.95
C CYS F 59 -6.59 -69.48 20.45
N CYS F 60 -5.45 -69.20 21.09
CA CYS F 60 -4.65 -68.06 20.66
C CYS F 60 -4.01 -68.31 19.31
N THR F 61 -3.63 -69.56 19.01
CA THR F 61 -3.11 -69.87 17.68
C THR F 61 -4.17 -69.60 16.62
N ILE F 62 -5.40 -70.02 16.88
CA ILE F 62 -6.49 -69.78 15.93
C ILE F 62 -6.70 -68.29 15.74
N ALA F 63 -6.67 -67.53 16.84
CA ALA F 63 -6.81 -66.09 16.73
C ALA F 63 -5.69 -65.49 15.89
N ASN F 64 -4.45 -65.95 16.10
CA ASN F 64 -3.33 -65.42 15.32
C ASN F 64 -3.53 -65.69 13.84
N LYS F 65 -3.93 -66.91 13.46
CA LYS F 65 -4.15 -67.20 12.05
C LYS F 65 -5.26 -66.34 11.48
N ILE F 66 -6.40 -66.26 12.18
CA ILE F 66 -7.54 -65.50 11.68
C ILE F 66 -7.14 -64.05 11.45
N ARG F 67 -6.42 -63.46 12.40
CA ARG F 67 -6.00 -62.08 12.25
C ARG F 67 -4.99 -61.92 11.12
N LYS F 68 -4.07 -62.89 10.98
CA LYS F 68 -3.08 -62.80 9.91
C LYS F 68 -3.76 -62.82 8.55
N GLU F 69 -4.92 -63.45 8.43
CA GLU F 69 -5.61 -63.50 7.14
C GLU F 69 -6.39 -62.22 6.83
N SER F 70 -6.50 -61.27 7.76
CA SER F 70 -7.40 -60.14 7.57
C SER F 70 -6.79 -59.08 6.65
N PRO F 71 -7.60 -58.41 5.80
CA PRO F 71 -7.06 -57.35 4.94
C PRO F 71 -6.88 -55.98 5.62
N HIS F 72 -6.94 -55.93 6.95
CA HIS F 72 -6.93 -54.65 7.67
C HIS F 72 -5.58 -54.47 8.33
N LYS F 73 -4.94 -53.33 8.08
CA LYS F 73 -3.55 -53.08 8.51
C LYS F 73 -3.51 -52.04 9.62
N PRO F 74 -2.90 -52.34 10.78
CA PRO F 74 -2.82 -51.33 11.85
C PRO F 74 -1.77 -50.26 11.62
N VAL F 75 -1.84 -49.53 10.50
CA VAL F 75 -0.82 -48.52 10.21
C VAL F 75 -1.00 -47.33 11.15
N GLN F 76 0.12 -46.84 11.69
CA GLN F 76 0.10 -45.78 12.70
C GLN F 76 -0.01 -44.39 12.07
N LEU F 77 -1.07 -44.16 11.31
CA LEU F 77 -1.49 -42.82 10.93
C LEU F 77 -0.36 -42.02 10.30
N GLY F 78 -0.54 -40.71 10.17
CA GLY F 78 0.48 -39.85 9.60
C GLY F 78 0.54 -39.95 8.09
#